data_8U7B
#
_entry.id   8U7B
#
_cell.length_a   197.181
_cell.length_b   197.181
_cell.length_c   183.407
_cell.angle_alpha   90.00
_cell.angle_beta   90.00
_cell.angle_gamma   120.00
#
_symmetry.space_group_name_H-M   'P 65 2 2'
#
loop_
_entity.id
_entity.type
_entity.pdbx_description
1 polymer 'TIR domain-containing protein'
2 polymer 'Piwi domain-containing protein'
3 non-polymer PROLINE
4 non-polymer 'MANGANESE (II) ION'
5 water water
#
loop_
_entity_poly.entity_id
_entity_poly.type
_entity_poly.pdbx_seq_one_letter_code
_entity_poly.pdbx_strand_id
1 'polypeptide(L)'
;MRNKIFISHATPEDDDFTRWLSLKLIGLGYEVWCDILFLDKGVDFWSTIEKEIRENTCKFLIVSSTAGNKREGVLKELAV
ATKVKKHLQDDMFIIPLAIDENLSYDDINIEIVRLNAIDFKKSWAKGLQDLLDAFEKQNVPKKPPDHSKSNLLYQQIFLH
DKQAIEKEETYDSNWFPIISFPNELRFHRYDWRLPKQFDVRTLAFPAIRYKEYLCTFAWEYDFIHQLPKTETYNGQESIR
ISTSDILSGRYDTDFIRNYECQRLIVQLINKAFELRMKDKNVREYQMSKTFAYWIEKGKLEKDKFEKIKLVGKQKNKYWH
FGISAAGKLYPSPVLMVSSHIIFTMDGINLIKSKSIQHSSRRKQGKNWWNDKWREKLLAFIRFLSDQNAIYLNVGSEEKI
LISNKPLKFFGKMSYVTPSEVTLEEESVLADINNFEEDTEDLDELEDIE
;
B
2 'polypeptide(L)'
;MKELIYIEEPSILFAHGQKCTDPRDGLALFGPLNQIYGIKSGVVGTQKGLQIFKSYLDKIQKPIYNHNNITRPMFPGFEA
VFGCKWESQNIVFKEITDEEIRRYLFNASTHKRTYDLVTLFNDKIITANKNDEERVDVWFVIVPEEIYKYCRPNSVLPNE
LVQTKSLISKSKAKSFRYTPTLFEEFNKKLKEVEKEAKTYNYDAQFHDQLKARLLEHTIPTQILRESTLAWRDFKNTFGA
PIRDFSKIEGHLAWTISTAAYYKAGGKPWKLGDIRPGVCYLGLVYKKIEKSKNPQNACCAAQMFLDNGDGTVFKGEVGPW
YNPEKGEYHLKPKEAKALLTQALESYKEQNKSYPKEVFIHARTRFNDEEWNAFNEVTPKNTNLVGVTITKSKPLKLYKTE
GAFPIMRGNAYIVDEKKAFLWTLGFVPKLQSTLSMEVPNPIFIEINKGEAEIQQVLKDILALTKLNYNACIYADGEPVTL
RFANKIGEILTASTEIKTPPLAFKYYI
;
C
#
# COMPACT_ATOMS: atom_id res chain seq x y z
N ARG A 2 -33.21 25.40 27.62
CA ARG A 2 -33.98 26.37 26.84
C ARG A 2 -33.50 26.43 25.40
N ASN A 3 -32.30 25.88 25.15
CA ASN A 3 -31.69 26.01 23.84
C ASN A 3 -30.98 24.74 23.36
N LYS A 4 -31.18 23.59 24.01
CA LYS A 4 -30.60 22.36 23.51
C LYS A 4 -31.43 21.80 22.36
N ILE A 5 -30.76 21.07 21.48
CA ILE A 5 -31.40 20.44 20.33
C ILE A 5 -31.38 18.93 20.54
N PHE A 6 -32.56 18.34 20.69
CA PHE A 6 -32.67 16.92 20.95
C PHE A 6 -32.73 16.13 19.65
N ILE A 7 -32.07 14.97 19.65
CA ILE A 7 -32.06 14.09 18.49
C ILE A 7 -32.44 12.70 18.97
N SER A 8 -33.67 12.28 18.67
CA SER A 8 -34.11 10.92 18.95
C SER A 8 -33.78 10.03 17.77
N HIS A 9 -33.24 8.84 18.06
CA HIS A 9 -32.75 7.97 17.00
C HIS A 9 -32.77 6.52 17.48
N ALA A 10 -32.88 5.60 16.53
CA ALA A 10 -32.82 4.19 16.83
C ALA A 10 -31.37 3.71 16.79
N THR A 11 -31.00 2.91 17.79
CA THR A 11 -29.63 2.45 17.94
C THR A 11 -29.57 0.94 17.74
N PRO A 12 -28.62 0.43 16.95
CA PRO A 12 -27.58 1.15 16.21
C PRO A 12 -27.88 1.29 14.72
N GLU A 13 -29.15 1.16 14.31
CA GLU A 13 -29.47 1.17 12.89
C GLU A 13 -29.15 2.50 12.25
N ASP A 14 -29.41 3.60 12.94
CA ASP A 14 -29.17 4.94 12.42
C ASP A 14 -28.03 5.65 13.15
N ASP A 15 -27.03 4.89 13.60
CA ASP A 15 -25.94 5.50 14.37
C ASP A 15 -25.04 6.36 13.50
N ASP A 16 -24.81 5.95 12.25
CA ASP A 16 -23.94 6.71 11.37
C ASP A 16 -24.50 8.11 11.11
N PHE A 17 -25.76 8.18 10.68
CA PHE A 17 -26.36 9.48 10.41
C PHE A 17 -26.48 10.31 11.68
N THR A 18 -26.82 9.67 12.81
CA THR A 18 -26.95 10.41 14.05
C THR A 18 -25.62 11.03 14.47
N ARG A 19 -24.54 10.25 14.40
CA ARG A 19 -23.22 10.77 14.72
C ARG A 19 -22.85 11.92 13.79
N TRP A 20 -23.03 11.71 12.48
CA TRP A 20 -22.69 12.75 11.50
C TRP A 20 -23.42 14.04 11.81
N LEU A 21 -24.74 13.97 11.96
CA LEU A 21 -25.54 15.18 12.17
C LEU A 21 -25.22 15.84 13.50
N SER A 22 -25.10 15.05 14.57
CA SER A 22 -24.76 15.63 15.87
C SER A 22 -23.44 16.38 15.82
N LEU A 23 -22.40 15.75 15.27
CA LEU A 23 -21.10 16.37 15.25
C LEU A 23 -21.08 17.59 14.33
N LYS A 24 -21.78 17.53 13.20
CA LYS A 24 -21.81 18.68 12.29
C LYS A 24 -22.54 19.85 12.92
N LEU A 25 -23.67 19.59 13.59
CA LEU A 25 -24.41 20.65 14.25
C LEU A 25 -23.61 21.26 15.40
N ILE A 26 -22.88 20.43 16.14
CA ILE A 26 -22.07 20.95 17.24
C ILE A 26 -20.94 21.82 16.69
N GLY A 27 -20.25 21.34 15.65
CA GLY A 27 -19.21 22.14 15.03
C GLY A 27 -19.74 23.43 14.43
N LEU A 28 -20.99 23.44 14.00
CA LEU A 28 -21.60 24.65 13.48
C LEU A 28 -21.99 25.64 14.57
N GLY A 29 -22.06 25.19 15.83
CA GLY A 29 -22.33 26.07 16.95
C GLY A 29 -23.55 25.71 17.77
N TYR A 30 -24.39 24.79 17.31
CA TYR A 30 -25.59 24.43 18.05
C TYR A 30 -25.25 23.50 19.20
N GLU A 31 -26.10 23.53 20.23
CA GLU A 31 -25.96 22.65 21.38
C GLU A 31 -26.95 21.50 21.23
N VAL A 32 -26.45 20.32 20.93
CA VAL A 32 -27.31 19.15 20.71
C VAL A 32 -27.18 18.22 21.90
N TRP A 33 -28.24 17.47 22.16
CA TRP A 33 -28.27 16.46 23.21
C TRP A 33 -28.60 15.13 22.59
N CYS A 34 -27.71 14.15 22.76
CA CYS A 34 -27.90 12.84 22.17
C CYS A 34 -27.25 11.79 23.06
N ASP A 35 -27.94 10.67 23.25
CA ASP A 35 -27.39 9.58 24.04
C ASP A 35 -26.12 9.00 23.41
N ILE A 36 -25.91 9.23 22.12
CA ILE A 36 -24.73 8.73 21.45
C ILE A 36 -23.47 9.51 21.85
N LEU A 37 -23.63 10.71 22.40
CA LEU A 37 -22.51 11.55 22.81
C LEU A 37 -22.16 11.41 24.28
N PHE A 38 -22.63 10.35 24.93
CA PHE A 38 -22.38 10.17 26.36
C PHE A 38 -21.97 8.73 26.62
N LEU A 39 -21.20 8.55 27.68
CA LEU A 39 -20.72 7.23 28.07
C LEU A 39 -21.22 6.85 29.46
N PHE A 45 -32.21 5.97 33.67
CA PHE A 45 -31.66 6.98 32.77
C PHE A 45 -32.77 7.68 31.98
N TRP A 46 -33.97 7.11 32.03
CA TRP A 46 -35.09 7.71 31.31
C TRP A 46 -35.48 9.07 31.91
N SER A 47 -35.29 9.24 33.21
CA SER A 47 -35.66 10.51 33.85
C SER A 47 -34.84 11.66 33.29
N THR A 48 -33.56 11.42 32.99
CA THR A 48 -32.72 12.46 32.41
C THR A 48 -33.25 12.88 31.04
N ILE A 49 -33.59 11.90 30.20
CA ILE A 49 -34.14 12.20 28.88
C ILE A 49 -35.43 13.00 29.01
N GLU A 50 -36.32 12.57 29.92
CA GLU A 50 -37.59 13.26 30.09
C GLU A 50 -37.37 14.70 30.55
N LYS A 51 -36.48 14.89 31.54
CA LYS A 51 -36.21 16.24 32.04
C LYS A 51 -35.63 17.12 30.94
N GLU A 52 -34.84 16.55 30.05
CA GLU A 52 -34.21 17.36 29.02
C GLU A 52 -35.15 17.75 27.90
N ILE A 53 -36.02 16.86 27.49
CA ILE A 53 -36.95 17.18 26.45
C ILE A 53 -37.94 18.20 26.98
N ARG A 54 -38.35 18.04 28.22
CA ARG A 54 -39.36 18.92 28.80
C ARG A 54 -38.87 20.31 29.16
N GLU A 55 -37.69 20.41 29.75
CA GLU A 55 -37.23 21.71 30.21
C GLU A 55 -36.04 22.31 29.50
N ASN A 56 -35.39 21.60 28.60
CA ASN A 56 -34.17 22.12 28.01
C ASN A 56 -34.06 22.02 26.50
N THR A 57 -35.03 21.40 25.86
CA THR A 57 -34.98 21.21 24.42
C THR A 57 -35.72 22.30 23.66
N CYS A 58 -35.07 22.92 22.70
CA CYS A 58 -35.70 23.93 21.88
C CYS A 58 -36.28 23.31 20.65
N LYS A 59 -35.57 22.36 20.07
CA LYS A 59 -36.04 21.67 18.89
C LYS A 59 -35.82 20.19 19.05
N PHE A 60 -36.84 19.40 18.84
CA PHE A 60 -36.78 17.94 18.98
C PHE A 60 -36.74 17.32 17.59
N LEU A 61 -35.58 16.81 17.20
CA LEU A 61 -35.41 16.14 15.92
C LEU A 61 -35.51 14.63 16.12
N ILE A 62 -36.34 13.99 15.31
CA ILE A 62 -36.52 12.55 15.36
C ILE A 62 -36.09 11.96 14.02
N VAL A 63 -35.24 10.93 14.08
CA VAL A 63 -34.73 10.30 12.88
C VAL A 63 -35.78 9.31 12.37
N SER A 64 -36.32 9.59 11.18
CA SER A 64 -37.42 8.79 10.64
C SER A 64 -36.84 7.72 9.72
N SER A 65 -36.69 6.50 10.25
CA SER A 65 -36.24 5.35 9.49
C SER A 65 -37.17 4.18 9.77
N THR A 66 -36.98 3.09 9.04
CA THR A 66 -37.77 1.89 9.27
C THR A 66 -37.59 1.38 10.69
N ALA A 67 -36.37 1.48 11.23
CA ALA A 67 -36.10 0.98 12.57
C ALA A 67 -36.52 1.98 13.65
N GLY A 68 -36.55 3.27 13.32
CA GLY A 68 -36.91 4.28 14.29
C GLY A 68 -38.40 4.33 14.58
N ASN A 69 -39.22 4.19 13.54
CA ASN A 69 -40.67 4.27 13.72
C ASN A 69 -41.24 3.09 14.49
N LYS A 70 -40.48 2.00 14.66
CA LYS A 70 -40.94 0.85 15.42
C LYS A 70 -40.19 0.64 16.73
N ARG A 71 -39.10 1.38 16.95
CA ARG A 71 -38.37 1.28 18.20
C ARG A 71 -39.18 1.88 19.34
N GLU A 72 -39.40 1.10 20.40
CA GLU A 72 -40.29 1.53 21.47
C GLU A 72 -39.74 2.74 22.21
N GLY A 73 -38.45 2.76 22.50
CA GLY A 73 -37.87 3.88 23.22
C GLY A 73 -37.94 5.18 22.44
N VAL A 74 -37.67 5.12 21.14
CA VAL A 74 -37.82 6.30 20.29
C VAL A 74 -39.25 6.81 20.34
N LEU A 75 -40.23 5.91 20.36
CA LEU A 75 -41.62 6.35 20.41
C LEU A 75 -41.97 6.94 21.77
N LYS A 76 -41.38 6.43 22.86
CA LYS A 76 -41.57 7.04 24.16
C LYS A 76 -41.05 8.48 24.17
N GLU A 77 -39.83 8.66 23.66
CA GLU A 77 -39.26 10.01 23.60
C GLU A 77 -40.11 10.91 22.69
N LEU A 78 -40.66 10.35 21.62
CA LEU A 78 -41.51 11.15 20.73
C LEU A 78 -42.81 11.55 21.42
N ALA A 79 -43.37 10.66 22.25
CA ALA A 79 -44.59 11.00 22.96
C ALA A 79 -44.34 12.10 23.99
N VAL A 80 -43.22 12.01 24.71
CA VAL A 80 -42.84 13.10 25.60
C VAL A 80 -42.69 14.39 24.82
N ALA A 81 -42.05 14.32 23.65
CA ALA A 81 -41.89 15.51 22.82
C ALA A 81 -43.22 16.06 22.35
N THR A 82 -44.21 15.20 22.10
CA THR A 82 -45.53 15.65 21.70
C THR A 82 -46.21 16.41 22.84
N LYS A 83 -46.17 15.84 24.05
CA LYS A 83 -46.69 16.55 25.22
C LYS A 83 -46.03 17.92 25.35
N VAL A 84 -44.70 17.96 25.25
CA VAL A 84 -43.98 19.23 25.38
C VAL A 84 -44.44 20.22 24.31
N LYS A 85 -44.37 19.81 23.04
CA LYS A 85 -44.81 20.66 21.94
C LYS A 85 -46.20 21.24 22.20
N LYS A 86 -47.11 20.41 22.72
CA LYS A 86 -48.43 20.92 23.08
C LYS A 86 -48.33 21.99 24.16
N HIS A 87 -47.42 21.80 25.12
CA HIS A 87 -47.33 22.72 26.25
C HIS A 87 -46.63 24.04 25.92
N LEU A 88 -46.03 24.19 24.74
CA LEU A 88 -45.55 25.48 24.27
C LEU A 88 -46.42 25.93 23.08
N GLN A 89 -45.85 26.77 22.22
CA GLN A 89 -46.52 27.23 21.00
C GLN A 89 -45.77 26.83 19.74
N ASP A 90 -44.73 26.02 19.87
CA ASP A 90 -43.83 25.74 18.76
C ASP A 90 -44.51 24.83 17.73
N ASP A 91 -44.90 25.43 16.60
CA ASP A 91 -45.43 24.63 15.50
C ASP A 91 -44.38 23.70 14.91
N MET A 92 -43.09 23.98 15.16
CA MET A 92 -42.00 23.18 14.61
C MET A 92 -41.14 22.57 15.71
N PHE A 93 -41.74 22.26 16.86
CA PHE A 93 -40.98 21.65 17.94
C PHE A 93 -40.48 20.27 17.55
N ILE A 94 -41.28 19.54 16.77
CA ILE A 94 -40.91 18.20 16.30
C ILE A 94 -40.58 18.31 14.81
N ILE A 95 -39.33 18.02 14.47
CA ILE A 95 -38.86 18.09 13.10
C ILE A 95 -38.31 16.71 12.71
N PRO A 96 -39.11 15.89 12.02
CA PRO A 96 -38.61 14.59 11.59
C PRO A 96 -37.56 14.73 10.50
N LEU A 97 -36.66 13.76 10.45
CA LEU A 97 -35.59 13.74 9.45
C LEU A 97 -35.73 12.43 8.66
N ALA A 98 -36.25 12.54 7.45
CA ALA A 98 -36.44 11.38 6.58
C ALA A 98 -35.09 10.98 5.99
N ILE A 99 -34.55 9.85 6.44
CA ILE A 99 -33.26 9.36 5.96
C ILE A 99 -33.34 7.99 5.30
N ASP A 100 -34.51 7.35 5.30
CA ASP A 100 -34.64 5.97 4.82
C ASP A 100 -35.56 5.97 3.60
N GLU A 101 -34.99 5.63 2.44
CA GLU A 101 -35.79 5.51 1.22
C GLU A 101 -36.54 4.18 1.15
N ASN A 102 -36.25 3.24 2.05
CA ASN A 102 -36.98 1.99 2.15
C ASN A 102 -38.09 2.05 3.20
N LEU A 103 -38.38 3.24 3.73
CA LEU A 103 -39.44 3.39 4.72
C LEU A 103 -40.79 3.34 4.01
N SER A 104 -41.53 2.27 4.23
CA SER A 104 -42.86 2.15 3.66
C SER A 104 -43.81 3.12 4.34
N TYR A 105 -44.73 3.70 3.56
CA TYR A 105 -45.64 4.69 4.11
C TYR A 105 -46.53 4.10 5.21
N ASP A 106 -46.94 2.85 5.04
CA ASP A 106 -47.75 2.19 6.06
C ASP A 106 -46.96 1.83 7.31
N ASP A 107 -45.63 2.01 7.30
CA ASP A 107 -44.81 1.74 8.47
C ASP A 107 -44.43 2.99 9.23
N ILE A 108 -44.70 4.18 8.69
CA ILE A 108 -44.44 5.42 9.40
C ILE A 108 -45.37 5.51 10.61
N ASN A 109 -44.82 5.92 11.75
CA ASN A 109 -45.65 6.17 12.91
C ASN A 109 -46.61 7.32 12.62
N ILE A 110 -47.79 7.24 13.24
CA ILE A 110 -48.84 8.23 12.96
C ILE A 110 -48.36 9.63 13.35
N GLU A 111 -47.67 9.74 14.49
CA GLU A 111 -47.22 11.05 14.95
C GLU A 111 -46.21 11.70 14.02
N ILE A 112 -45.49 10.90 13.22
CA ILE A 112 -44.54 11.46 12.27
C ILE A 112 -45.19 11.71 10.90
N VAL A 113 -46.15 10.87 10.50
CA VAL A 113 -46.69 10.99 9.15
C VAL A 113 -47.55 12.23 8.98
N ARG A 114 -48.09 12.79 10.07
CA ARG A 114 -48.91 14.00 9.96
C ARG A 114 -48.07 15.27 9.92
N LEU A 115 -46.79 15.19 10.22
CA LEU A 115 -45.88 16.33 10.09
C LEU A 115 -45.09 16.22 8.79
N ASN A 116 -44.51 17.34 8.39
CA ASN A 116 -43.64 17.39 7.22
C ASN A 116 -42.20 17.20 7.68
N ALA A 117 -41.52 16.21 7.10
CA ALA A 117 -40.15 15.92 7.47
C ALA A 117 -39.19 16.68 6.56
N ILE A 118 -37.90 16.59 6.89
CA ILE A 118 -36.83 17.19 6.10
C ILE A 118 -36.12 16.07 5.35
N ASP A 119 -36.07 16.19 4.02
CA ASP A 119 -35.59 15.11 3.17
C ASP A 119 -34.07 15.02 3.24
N PHE A 120 -33.57 13.92 3.82
CA PHE A 120 -32.15 13.60 3.79
C PHE A 120 -31.85 12.45 2.82
N LYS A 121 -32.88 11.88 2.19
CA LYS A 121 -32.68 10.66 1.40
C LYS A 121 -31.94 10.95 0.09
N LYS A 122 -32.11 12.14 -0.48
CA LYS A 122 -31.48 12.47 -1.74
C LYS A 122 -30.09 13.07 -1.56
N SER A 123 -29.87 13.79 -0.47
CA SER A 123 -28.56 14.35 -0.17
C SER A 123 -28.49 14.81 1.28
N TRP A 124 -27.54 14.27 2.04
CA TRP A 124 -27.34 14.73 3.41
C TRP A 124 -27.00 16.21 3.46
N ALA A 125 -26.31 16.72 2.44
CA ALA A 125 -26.01 18.14 2.36
C ALA A 125 -27.28 18.96 2.21
N LYS A 126 -28.16 18.56 1.30
CA LYS A 126 -29.42 19.30 1.12
C LYS A 126 -30.27 19.22 2.39
N GLY A 127 -30.31 18.06 3.03
CA GLY A 127 -31.05 17.95 4.28
C GLY A 127 -30.51 18.86 5.36
N LEU A 128 -29.18 18.93 5.47
CA LEU A 128 -28.58 19.83 6.45
C LEU A 128 -28.88 21.29 6.13
N GLN A 129 -28.80 21.66 4.85
CA GLN A 129 -29.13 23.04 4.48
C GLN A 129 -30.57 23.37 4.83
N ASP A 130 -31.49 22.44 4.60
CA ASP A 130 -32.89 22.69 4.94
C ASP A 130 -33.08 22.78 6.45
N LEU A 131 -32.43 21.89 7.21
CA LEU A 131 -32.52 21.97 8.67
C LEU A 131 -31.98 23.29 9.19
N LEU A 132 -30.85 23.75 8.65
CA LEU A 132 -30.29 25.02 9.08
C LEU A 132 -31.15 26.20 8.66
N ASP A 133 -31.80 26.11 7.49
CA ASP A 133 -32.73 27.16 7.09
C ASP A 133 -33.91 27.24 8.05
N ALA A 134 -34.48 26.08 8.42
CA ALA A 134 -35.58 26.08 9.37
C ALA A 134 -35.14 26.59 10.73
N PHE A 135 -33.91 26.27 11.15
CA PHE A 135 -33.40 26.78 12.41
C PHE A 135 -33.23 28.30 12.36
N GLU A 136 -32.69 28.83 11.25
CA GLU A 136 -32.51 30.26 11.12
C GLU A 136 -33.86 30.98 11.14
N LYS A 137 -34.86 30.43 10.45
CA LYS A 137 -36.16 31.09 10.39
C LYS A 137 -36.90 30.99 11.72
N GLN A 138 -36.61 29.96 12.52
CA GLN A 138 -37.21 29.81 13.83
C GLN A 138 -36.43 30.51 14.92
N ASN A 139 -35.32 31.18 14.57
CA ASN A 139 -34.48 31.88 15.54
C ASN A 139 -34.00 30.93 16.64
N VAL A 140 -33.56 29.76 16.23
CA VAL A 140 -33.03 28.79 17.19
C VAL A 140 -31.66 29.27 17.69
N PRO A 141 -31.44 29.35 19.00
CA PRO A 141 -30.18 29.87 19.52
C PRO A 141 -28.99 29.03 19.08
N LYS A 142 -27.86 29.70 18.85
CA LYS A 142 -26.65 29.04 18.43
C LYS A 142 -25.45 29.93 18.75
N LYS A 143 -24.31 29.29 18.94
CA LYS A 143 -23.04 29.96 19.19
C LYS A 143 -22.20 30.01 17.92
N PRO A 144 -21.21 30.89 17.85
CA PRO A 144 -20.30 30.89 16.69
C PRO A 144 -19.66 29.54 16.49
N PRO A 145 -19.25 29.22 15.27
CA PRO A 145 -18.78 27.85 14.97
C PRO A 145 -17.61 27.45 15.85
N ASP A 146 -17.56 26.15 16.17
CA ASP A 146 -16.51 25.58 17.01
C ASP A 146 -16.34 24.12 16.61
N HIS A 147 -15.64 23.91 15.49
CA HIS A 147 -15.34 22.55 15.03
C HIS A 147 -14.35 21.85 15.94
N SER A 148 -13.65 22.59 16.80
CA SER A 148 -12.76 21.96 17.76
C SER A 148 -13.53 21.11 18.76
N LYS A 149 -14.70 21.59 19.19
CA LYS A 149 -15.52 20.77 20.08
C LYS A 149 -16.04 19.52 19.37
N SER A 150 -16.37 19.63 18.08
CA SER A 150 -16.79 18.45 17.34
C SER A 150 -15.65 17.44 17.24
N ASN A 151 -14.43 17.91 16.96
CA ASN A 151 -13.27 17.03 16.94
C ASN A 151 -13.05 16.38 18.30
N LEU A 152 -13.20 17.16 19.38
CA LEU A 152 -12.98 16.63 20.73
C LEU A 152 -13.97 15.52 21.04
N LEU A 153 -15.25 15.76 20.72
CA LEU A 153 -16.26 14.73 20.95
C LEU A 153 -16.01 13.50 20.11
N TYR A 154 -15.61 13.70 18.85
CA TYR A 154 -15.29 12.56 17.98
C TYR A 154 -14.15 11.73 18.56
N GLN A 155 -13.15 12.40 19.14
CA GLN A 155 -11.97 11.69 19.61
C GLN A 155 -12.16 11.05 20.98
N GLN A 156 -13.02 11.64 21.83
CA GLN A 156 -13.15 11.14 23.19
C GLN A 156 -14.40 10.31 23.43
N ILE A 157 -15.42 10.42 22.58
CA ILE A 157 -16.66 9.69 22.76
C ILE A 157 -16.77 8.52 21.78
N PHE A 158 -16.48 8.77 20.50
CA PHE A 158 -16.61 7.75 19.46
C PHE A 158 -15.34 6.94 19.28
N LEU A 159 -14.17 7.55 19.46
CA LEU A 159 -12.91 6.82 19.47
C LEU A 159 -12.48 6.42 20.87
N HIS A 160 -13.42 6.21 21.79
CA HIS A 160 -13.08 5.89 23.16
C HIS A 160 -12.43 4.51 23.26
N ASP A 161 -13.16 3.47 22.90
CA ASP A 161 -12.65 2.10 22.94
C ASP A 161 -11.89 1.72 21.68
N LYS A 162 -11.28 2.68 20.98
CA LYS A 162 -10.56 2.44 19.74
C LYS A 162 -9.21 3.14 19.75
N GLN A 163 -8.52 3.12 20.89
CA GLN A 163 -7.25 3.80 21.05
C GLN A 163 -6.18 2.82 21.51
N ALA A 164 -4.93 3.25 21.38
CA ALA A 164 -3.81 2.46 21.86
C ALA A 164 -3.59 2.72 23.34
N ILE A 165 -3.33 1.65 24.09
CA ILE A 165 -3.20 1.74 25.54
C ILE A 165 -1.79 1.34 25.94
N GLU A 166 -1.42 1.72 27.16
CA GLU A 166 -0.10 1.39 27.72
C GLU A 166 -0.19 0.04 28.39
N LYS A 167 0.08 -1.02 27.62
CA LYS A 167 0.03 -2.38 28.12
C LYS A 167 1.24 -3.14 27.60
N GLU A 168 2.09 -3.61 28.51
CA GLU A 168 3.26 -4.38 28.11
C GLU A 168 2.84 -5.66 27.41
N GLU A 169 3.38 -5.87 26.22
CA GLU A 169 3.03 -7.04 25.41
C GLU A 169 4.31 -7.69 24.90
N THR A 170 4.44 -9.00 25.10
CA THR A 170 5.56 -9.76 24.58
C THR A 170 5.20 -10.34 23.23
N TYR A 171 6.18 -10.39 22.33
CA TYR A 171 6.00 -10.92 20.98
C TYR A 171 7.08 -11.96 20.70
N ASP A 172 6.70 -13.02 20.02
CA ASP A 172 7.67 -13.95 19.46
C ASP A 172 8.08 -13.48 18.07
N SER A 173 9.26 -13.91 17.64
CA SER A 173 9.81 -13.47 16.36
C SER A 173 10.22 -14.68 15.54
N ASN A 174 10.80 -14.41 14.38
CA ASN A 174 11.36 -15.44 13.51
C ASN A 174 12.87 -15.53 13.62
N TRP A 175 13.47 -14.85 14.59
CA TRP A 175 14.91 -14.86 14.78
C TRP A 175 15.25 -15.89 15.86
N PHE A 176 15.83 -17.02 15.45
CA PHE A 176 16.23 -18.04 16.40
C PHE A 176 17.72 -17.89 16.68
N PRO A 177 18.13 -17.62 17.92
CA PRO A 177 19.55 -17.32 18.18
C PRO A 177 20.42 -18.55 18.03
N ILE A 178 21.71 -18.30 17.80
CA ILE A 178 22.72 -19.34 17.75
C ILE A 178 23.49 -19.29 19.06
N ILE A 179 23.40 -20.37 19.85
CA ILE A 179 24.02 -20.37 21.17
C ILE A 179 25.49 -20.77 21.07
N SER A 180 25.78 -21.90 20.44
CA SER A 180 27.14 -22.43 20.37
C SER A 180 27.77 -22.06 19.03
N PHE A 181 29.03 -21.61 19.08
CA PHE A 181 29.81 -21.30 17.90
C PHE A 181 31.13 -22.04 17.97
N PRO A 182 31.65 -22.50 16.84
CA PRO A 182 33.03 -23.02 16.83
C PRO A 182 34.00 -21.95 17.30
N ASN A 183 34.93 -22.36 18.17
CA ASN A 183 35.78 -21.39 18.85
C ASN A 183 36.66 -20.62 17.87
N GLU A 184 37.09 -21.26 16.79
CA GLU A 184 38.00 -20.63 15.84
C GLU A 184 37.42 -20.71 14.44
N LEU A 185 37.35 -19.57 13.77
CA LEU A 185 37.11 -19.52 12.33
C LEU A 185 38.46 -19.47 11.64
N ARG A 186 38.72 -20.44 10.76
CA ARG A 186 40.06 -20.62 10.22
C ARG A 186 40.12 -20.33 8.73
N PHE A 187 41.30 -19.93 8.28
CA PHE A 187 41.62 -19.71 6.88
C PHE A 187 42.80 -20.60 6.53
N HIS A 188 42.58 -21.55 5.63
CA HIS A 188 43.59 -22.54 5.27
C HIS A 188 44.30 -22.10 3.98
N ARG A 189 45.62 -21.92 4.07
CA ARG A 189 46.42 -21.46 2.93
C ARG A 189 46.74 -22.65 2.02
N TYR A 190 45.67 -23.18 1.40
CA TYR A 190 45.85 -24.33 0.51
C TYR A 190 46.68 -23.97 -0.70
N ASP A 191 46.43 -22.79 -1.29
CA ASP A 191 47.23 -22.24 -2.39
C ASP A 191 47.16 -23.20 -3.57
N TRP A 192 48.27 -23.74 -4.05
CA TRP A 192 48.24 -24.65 -5.20
C TRP A 192 47.48 -25.94 -4.90
N ARG A 193 47.34 -26.31 -3.63
CA ARG A 193 46.64 -27.53 -3.26
C ARG A 193 45.16 -27.48 -3.60
N LEU A 194 44.58 -26.28 -3.70
CA LEU A 194 43.20 -26.12 -4.12
C LEU A 194 43.16 -25.78 -5.59
N PRO A 195 42.56 -26.62 -6.44
CA PRO A 195 42.48 -26.30 -7.87
C PRO A 195 41.77 -24.97 -8.10
N LYS A 196 42.30 -24.20 -9.05
CA LYS A 196 41.77 -22.87 -9.31
C LYS A 196 40.33 -22.94 -9.83
N GLN A 197 40.04 -23.90 -10.69
CA GLN A 197 38.70 -24.07 -11.27
C GLN A 197 37.92 -25.15 -10.52
N PHE A 198 37.87 -25.05 -9.20
CA PHE A 198 37.12 -25.98 -8.36
C PHE A 198 36.02 -25.21 -7.64
N ASP A 199 34.81 -25.72 -7.71
CA ASP A 199 33.70 -25.10 -7.03
C ASP A 199 33.79 -25.37 -5.57
N VAL A 200 34.14 -24.34 -4.81
CA VAL A 200 34.26 -24.50 -3.38
C VAL A 200 32.89 -24.54 -2.78
N ARG A 201 31.94 -25.08 -3.52
CA ARG A 201 30.58 -25.13 -3.03
C ARG A 201 30.10 -26.55 -3.07
N THR A 202 31.01 -27.48 -3.29
CA THR A 202 30.62 -28.86 -3.42
C THR A 202 31.17 -29.66 -2.29
N LEU A 203 31.88 -29.01 -1.39
CA LEU A 203 32.53 -29.73 -0.30
C LEU A 203 31.53 -30.04 0.77
N ALA A 204 31.75 -31.14 1.48
CA ALA A 204 30.80 -31.58 2.47
C ALA A 204 30.67 -30.66 3.64
N PHE A 205 31.68 -29.84 3.86
CA PHE A 205 31.59 -28.88 4.92
C PHE A 205 31.64 -27.53 4.28
N PRO A 206 30.85 -26.58 4.80
CA PRO A 206 30.78 -25.24 4.16
C PRO A 206 32.11 -24.52 4.19
N ALA A 207 32.61 -24.16 3.01
CA ALA A 207 33.90 -23.53 2.82
C ALA A 207 33.81 -22.53 1.67
N ILE A 208 34.41 -21.35 1.84
CA ILE A 208 34.37 -20.34 0.78
C ILE A 208 35.73 -19.64 0.66
N ARG A 209 36.01 -19.13 -0.53
CA ARG A 209 37.32 -18.52 -0.81
C ARG A 209 37.40 -17.10 -0.25
N TYR A 210 38.62 -16.70 0.10
CA TYR A 210 38.88 -15.32 0.50
C TYR A 210 39.96 -14.73 -0.39
N LYS A 211 41.22 -15.10 -0.16
CA LYS A 211 42.32 -14.63 -1.00
C LYS A 211 43.50 -15.60 -0.80
N GLU A 212 43.57 -16.60 -1.68
CA GLU A 212 44.54 -17.69 -1.62
C GLU A 212 44.28 -18.63 -0.45
N TYR A 213 43.56 -18.14 0.57
CA TYR A 213 43.14 -18.97 1.68
C TYR A 213 41.76 -19.57 1.40
N LEU A 214 41.29 -20.40 2.32
CA LEU A 214 39.94 -20.95 2.28
C LEU A 214 39.35 -20.79 3.67
N CYS A 215 38.30 -19.96 3.77
CA CYS A 215 37.62 -19.71 5.04
C CYS A 215 36.64 -20.84 5.34
N THR A 216 36.77 -21.40 6.56
CA THR A 216 35.96 -22.53 6.97
C THR A 216 36.00 -22.61 8.49
N PHE A 217 34.99 -23.27 9.06
CA PHE A 217 35.03 -23.68 10.46
C PHE A 217 35.63 -25.07 10.64
N ALA A 218 35.69 -25.85 9.56
CA ALA A 218 36.22 -27.21 9.58
C ALA A 218 37.74 -27.19 9.62
N TRP A 219 38.34 -28.38 9.74
CA TRP A 219 39.76 -28.53 10.01
C TRP A 219 40.59 -28.40 8.73
N GLU A 220 41.91 -28.52 8.90
CA GLU A 220 42.83 -28.45 7.77
C GLU A 220 42.65 -29.64 6.85
N TYR A 221 42.38 -30.83 7.41
CA TYR A 221 42.26 -32.05 6.64
C TYR A 221 40.82 -32.57 6.57
N ASP A 222 39.84 -31.68 6.75
CA ASP A 222 38.44 -32.09 6.65
C ASP A 222 37.97 -32.23 5.21
N PHE A 223 38.86 -32.01 4.23
CA PHE A 223 38.50 -32.07 2.81
C PHE A 223 39.50 -32.93 2.04
N ILE A 224 40.00 -34.00 2.66
CA ILE A 224 41.03 -34.81 2.03
C ILE A 224 40.44 -35.64 0.89
N HIS A 225 39.29 -36.27 1.14
CA HIS A 225 38.71 -37.18 0.15
C HIS A 225 38.39 -36.48 -1.16
N GLN A 226 38.04 -35.20 -1.10
CA GLN A 226 37.75 -34.43 -2.31
C GLN A 226 38.95 -33.63 -2.80
N LEU A 227 39.82 -33.19 -1.90
CA LEU A 227 41.01 -32.42 -2.25
C LEU A 227 42.24 -33.20 -1.79
N PRO A 228 42.79 -34.09 -2.63
CA PRO A 228 43.96 -34.88 -2.19
C PRO A 228 45.16 -34.04 -1.79
N LYS A 229 45.51 -33.02 -2.59
CA LYS A 229 46.74 -32.26 -2.35
C LYS A 229 46.78 -31.62 -0.98
N THR A 230 45.62 -31.33 -0.37
CA THR A 230 45.59 -30.74 0.97
C THR A 230 46.25 -31.63 2.03
N GLU A 231 46.52 -32.90 1.70
CA GLU A 231 47.20 -33.77 2.66
C GLU A 231 48.64 -33.31 2.92
N THR A 232 49.27 -32.68 1.93
CA THR A 232 50.62 -32.14 2.10
C THR A 232 50.62 -30.79 2.83
N TYR A 233 49.45 -30.21 3.08
CA TYR A 233 49.36 -28.89 3.68
C TYR A 233 49.67 -28.94 5.17
N ASN A 234 50.55 -28.06 5.62
CA ASN A 234 50.84 -27.93 7.04
C ASN A 234 49.77 -27.07 7.70
N GLY A 235 49.08 -27.63 8.69
CA GLY A 235 48.01 -26.92 9.36
C GLY A 235 48.45 -25.65 10.06
N GLN A 236 49.76 -25.50 10.31
CA GLN A 236 50.26 -24.30 10.97
C GLN A 236 50.18 -23.07 10.08
N GLU A 237 50.15 -23.25 8.76
CA GLU A 237 49.97 -22.13 7.85
C GLU A 237 48.59 -21.50 7.95
N SER A 238 47.63 -22.17 8.59
CA SER A 238 46.29 -21.64 8.70
C SER A 238 46.26 -20.47 9.69
N ILE A 239 45.36 -19.53 9.42
CA ILE A 239 45.13 -18.39 10.30
C ILE A 239 43.83 -18.64 11.04
N ARG A 240 43.91 -18.82 12.35
CA ARG A 240 42.73 -19.06 13.18
C ARG A 240 42.37 -17.79 13.93
N ILE A 241 41.11 -17.36 13.82
CA ILE A 241 40.63 -16.17 14.50
C ILE A 241 39.54 -16.54 15.49
N SER A 242 39.59 -15.94 16.68
CA SER A 242 38.58 -16.17 17.69
C SER A 242 37.23 -15.66 17.20
N THR A 243 36.24 -16.55 17.17
CA THR A 243 34.89 -16.15 16.77
C THR A 243 34.29 -15.15 17.75
N SER A 244 34.61 -15.29 19.04
CA SER A 244 34.12 -14.33 20.03
C SER A 244 34.69 -12.94 19.79
N ASP A 245 35.91 -12.84 19.24
CA ASP A 245 36.47 -11.56 18.86
C ASP A 245 35.89 -11.04 17.56
N ILE A 246 35.32 -11.91 16.73
CA ILE A 246 34.66 -11.47 15.51
C ILE A 246 33.27 -10.93 15.81
N LEU A 247 32.53 -11.62 16.68
CA LEU A 247 31.19 -11.15 17.03
C LEU A 247 31.23 -9.86 17.82
N SER A 248 32.13 -9.76 18.80
CA SER A 248 32.25 -8.58 19.64
C SER A 248 32.91 -7.40 18.93
N GLY A 249 33.37 -7.58 17.69
CA GLY A 249 34.02 -6.51 16.97
C GLY A 249 35.46 -6.27 17.35
N ARG A 250 36.06 -7.14 18.15
CA ARG A 250 37.43 -6.91 18.58
C ARG A 250 38.44 -7.14 17.46
N TYR A 251 38.07 -7.93 16.46
CA TYR A 251 38.99 -8.26 15.37
C TYR A 251 38.79 -7.33 14.19
N ASP A 252 39.88 -6.70 13.75
CA ASP A 252 39.84 -5.79 12.60
C ASP A 252 41.27 -5.48 12.14
N THR A 253 41.75 -6.20 11.14
CA THR A 253 43.11 -6.07 10.64
C THR A 253 43.10 -5.77 9.14
N ASP A 254 44.30 -5.65 8.58
CA ASP A 254 44.45 -5.46 7.14
C ASP A 254 44.25 -6.75 6.37
N PHE A 255 44.47 -7.91 7.00
CA PHE A 255 44.22 -9.18 6.35
C PHE A 255 42.74 -9.35 6.06
N ILE A 256 41.89 -9.08 7.05
CA ILE A 256 40.44 -9.12 6.86
C ILE A 256 39.80 -8.22 7.91
N ARG A 257 38.64 -7.66 7.56
CA ARG A 257 37.96 -6.66 8.35
C ARG A 257 36.73 -7.29 9.01
N ASN A 258 36.24 -6.62 10.06
CA ASN A 258 35.18 -7.22 10.88
C ASN A 258 33.89 -7.41 10.08
N TYR A 259 33.51 -6.40 9.29
CA TYR A 259 32.33 -6.55 8.44
C TYR A 259 32.49 -7.72 7.50
N GLU A 260 33.68 -7.86 6.91
CA GLU A 260 33.91 -9.00 6.03
C GLU A 260 33.82 -10.32 6.80
N CYS A 261 34.47 -10.38 7.98
CA CYS A 261 34.41 -11.57 8.82
C CYS A 261 32.97 -12.02 9.03
N GLN A 262 32.12 -11.10 9.52
CA GLN A 262 30.73 -11.45 9.75
C GLN A 262 30.01 -11.84 8.47
N ARG A 263 30.38 -11.23 7.35
CA ARG A 263 29.79 -11.59 6.06
C ARG A 263 30.12 -13.04 5.69
N LEU A 264 31.39 -13.42 5.74
CA LEU A 264 31.73 -14.82 5.44
C LEU A 264 31.08 -15.76 6.45
N ILE A 265 30.90 -15.33 7.70
CA ILE A 265 30.26 -16.21 8.68
C ILE A 265 28.81 -16.48 8.31
N VAL A 266 28.05 -15.46 7.89
CA VAL A 266 26.67 -15.74 7.47
C VAL A 266 26.66 -16.56 6.18
N GLN A 267 27.59 -16.28 5.27
CA GLN A 267 27.65 -17.08 4.04
C GLN A 267 27.94 -18.55 4.34
N LEU A 268 28.67 -18.82 5.42
CA LEU A 268 28.89 -20.21 5.82
C LEU A 268 27.68 -20.79 6.53
N ILE A 269 26.99 -19.99 7.34
CA ILE A 269 25.82 -20.48 8.07
C ILE A 269 24.70 -20.88 7.09
N ASN A 270 24.49 -20.08 6.04
CA ASN A 270 23.47 -20.41 5.06
C ASN A 270 23.74 -21.76 4.41
N LYS A 271 24.99 -21.97 3.96
CA LYS A 271 25.34 -23.23 3.34
C LYS A 271 25.21 -24.38 4.34
N ALA A 272 25.56 -24.14 5.60
CA ALA A 272 25.42 -25.18 6.61
C ALA A 272 23.97 -25.60 6.77
N PHE A 273 23.05 -24.63 6.79
CA PHE A 273 21.63 -24.96 6.83
C PHE A 273 21.21 -25.75 5.61
N GLU A 274 21.63 -25.30 4.43
CA GLU A 274 21.25 -25.99 3.20
C GLU A 274 21.73 -27.44 3.20
N LEU A 275 22.96 -27.67 3.69
CA LEU A 275 23.50 -29.03 3.72
C LEU A 275 22.81 -29.89 4.77
N ARG A 276 22.57 -29.32 5.95
CA ARG A 276 21.90 -30.10 7.00
C ARG A 276 20.48 -30.48 6.58
N MET A 277 19.83 -29.66 5.75
CA MET A 277 18.50 -30.02 5.26
C MET A 277 18.52 -31.27 4.38
N LYS A 278 19.66 -31.60 3.78
CA LYS A 278 19.71 -32.74 2.87
C LYS A 278 19.43 -34.05 3.60
N ASP A 279 20.15 -34.31 4.68
CA ASP A 279 19.93 -35.52 5.48
C ASP A 279 18.86 -35.28 6.54
N LYS A 280 17.67 -34.92 6.06
CA LYS A 280 16.53 -34.66 6.93
C LYS A 280 15.26 -35.06 6.21
N ASN A 281 14.18 -35.21 6.99
CA ASN A 281 12.89 -35.67 6.47
C ASN A 281 12.11 -34.56 5.76
N VAL A 282 12.79 -33.68 5.04
CA VAL A 282 12.14 -32.57 4.35
C VAL A 282 12.51 -32.60 2.88
N ARG A 283 11.61 -32.08 2.04
CA ARG A 283 11.85 -31.88 0.63
C ARG A 283 12.12 -30.40 0.36
N GLU A 284 12.56 -30.10 -0.85
CA GLU A 284 13.04 -28.77 -1.19
C GLU A 284 12.18 -28.10 -2.25
N TYR A 285 12.25 -26.77 -2.26
CA TYR A 285 11.57 -25.93 -3.24
C TYR A 285 12.53 -24.81 -3.62
N GLN A 286 12.87 -24.72 -4.90
CA GLN A 286 13.84 -23.73 -5.37
C GLN A 286 13.14 -22.41 -5.65
N MET A 287 13.68 -21.32 -5.08
CA MET A 287 13.15 -19.99 -5.30
C MET A 287 14.15 -19.18 -6.12
N SER A 288 13.99 -17.85 -6.10
CA SER A 288 14.80 -16.99 -6.95
C SER A 288 16.29 -17.08 -6.61
N LYS A 289 16.62 -17.32 -5.34
CA LYS A 289 18.02 -17.37 -4.94
C LYS A 289 18.23 -18.30 -3.75
N THR A 290 17.20 -18.49 -2.94
CA THR A 290 17.27 -19.30 -1.75
C THR A 290 16.54 -20.64 -1.96
N PHE A 291 16.39 -21.39 -0.87
CA PHE A 291 15.75 -22.70 -0.90
C PHE A 291 14.78 -22.79 0.26
N ALA A 292 13.56 -23.24 -0.02
CA ALA A 292 12.58 -23.53 1.03
C ALA A 292 12.50 -25.04 1.24
N TYR A 293 11.96 -25.43 2.40
CA TYR A 293 11.92 -26.83 2.76
C TYR A 293 10.57 -27.17 3.39
N TRP A 294 9.98 -28.29 2.96
CA TRP A 294 8.63 -28.68 3.30
C TRP A 294 8.60 -30.15 3.72
N ILE A 295 7.40 -30.65 4.02
CA ILE A 295 7.20 -32.03 4.46
C ILE A 295 6.21 -32.70 3.52
N GLU A 296 6.51 -33.95 3.16
CA GLU A 296 5.62 -34.72 2.30
C GLU A 296 4.32 -35.04 3.04
N LYS A 297 3.31 -35.45 2.27
CA LYS A 297 1.99 -35.70 2.84
C LYS A 297 1.97 -36.93 3.72
N GLY A 298 2.69 -37.98 3.33
CA GLY A 298 2.63 -39.24 4.06
C GLY A 298 3.23 -39.18 5.46
N LYS A 299 4.08 -38.20 5.73
CA LYS A 299 4.81 -38.16 6.98
C LYS A 299 3.93 -37.61 8.11
N LEU A 300 4.45 -37.73 9.34
CA LEU A 300 3.82 -37.24 10.56
C LEU A 300 2.53 -37.99 10.88
N GLU A 301 2.09 -37.91 12.13
CA GLU A 301 0.85 -38.56 12.57
C GLU A 301 -0.34 -37.73 12.12
N LYS A 302 -1.04 -38.21 11.09
CA LYS A 302 -2.22 -37.53 10.54
C LYS A 302 -1.90 -36.08 10.17
N ASP A 303 -0.70 -35.89 9.61
CA ASP A 303 -0.27 -34.61 9.05
C ASP A 303 -0.15 -33.52 10.10
N LYS A 304 0.15 -33.89 11.35
CA LYS A 304 0.21 -32.92 12.44
C LYS A 304 1.39 -33.23 13.34
N PHE A 305 2.27 -32.25 13.52
CA PHE A 305 3.32 -32.30 14.53
C PHE A 305 2.85 -31.48 15.73
N GLU A 306 2.74 -32.14 16.89
CA GLU A 306 2.27 -31.49 18.12
C GLU A 306 0.91 -30.84 17.90
N LYS A 307 0.03 -31.55 17.21
CA LYS A 307 -1.31 -31.06 16.89
C LYS A 307 -1.26 -29.73 16.14
N ILE A 308 -0.37 -29.66 15.15
CA ILE A 308 -0.28 -28.50 14.27
C ILE A 308 -0.25 -29.01 12.84
N LYS A 309 -1.24 -28.64 12.03
CA LYS A 309 -1.33 -29.09 10.65
C LYS A 309 -0.22 -28.45 9.85
N LEU A 310 0.75 -29.26 9.41
CA LEU A 310 1.86 -28.77 8.60
C LEU A 310 1.72 -29.11 7.12
N VAL A 311 0.86 -30.05 6.77
CA VAL A 311 0.44 -30.29 5.40
C VAL A 311 -1.06 -30.58 5.41
N GLY A 312 -1.77 -30.06 4.42
CA GLY A 312 -3.21 -30.14 4.43
C GLY A 312 -3.79 -30.09 3.02
N LYS A 313 -5.12 -30.02 2.95
CA LYS A 313 -5.85 -30.09 1.70
C LYS A 313 -6.43 -28.73 1.35
N GLN A 314 -6.20 -28.29 0.11
CA GLN A 314 -6.88 -27.13 -0.46
C GLN A 314 -7.49 -27.58 -1.77
N LYS A 315 -8.82 -27.50 -1.87
CA LYS A 315 -9.53 -27.85 -3.12
C LYS A 315 -9.03 -29.15 -3.74
N ASN A 316 -8.30 -29.03 -4.87
CA ASN A 316 -7.84 -30.18 -5.64
C ASN A 316 -6.37 -30.52 -5.42
N LYS A 317 -5.67 -29.77 -4.58
CA LYS A 317 -4.26 -29.95 -4.29
C LYS A 317 -4.03 -30.00 -2.79
N TYR A 318 -2.77 -30.12 -2.40
CA TYR A 318 -2.37 -30.21 -1.00
C TYR A 318 -1.35 -29.12 -0.71
N TRP A 319 -1.61 -28.33 0.33
CA TRP A 319 -0.69 -27.29 0.74
C TRP A 319 0.33 -27.83 1.74
N HIS A 320 1.56 -27.32 1.64
CA HIS A 320 2.66 -27.69 2.50
C HIS A 320 3.29 -26.42 3.05
N PHE A 321 3.37 -26.33 4.37
CA PHE A 321 4.10 -25.24 5.00
C PHE A 321 5.60 -25.44 4.83
N GLY A 322 6.31 -24.36 4.53
CA GLY A 322 7.73 -24.45 4.28
C GLY A 322 8.48 -23.30 4.93
N ILE A 323 9.78 -23.52 5.13
CA ILE A 323 10.65 -22.54 5.76
C ILE A 323 11.87 -22.31 4.89
N SER A 324 12.41 -21.10 4.98
CA SER A 324 13.72 -20.78 4.43
C SER A 324 14.54 -20.08 5.50
N ALA A 325 15.85 -20.24 5.44
CA ALA A 325 16.73 -19.73 6.50
C ALA A 325 17.75 -18.76 5.92
N ALA A 326 18.03 -17.71 6.68
CA ALA A 326 19.08 -16.75 6.33
C ALA A 326 19.72 -16.26 7.62
N GLY A 327 21.05 -16.35 7.70
CA GLY A 327 21.75 -15.96 8.91
C GLY A 327 22.08 -14.47 8.96
N LYS A 328 22.13 -13.94 10.18
CA LYS A 328 22.62 -12.59 10.42
C LYS A 328 23.22 -12.57 11.81
N LEU A 329 24.17 -11.67 12.04
CA LEU A 329 24.79 -11.62 13.36
C LEU A 329 24.98 -10.18 13.84
N TYR A 330 24.11 -9.28 13.39
CA TYR A 330 24.07 -7.90 13.86
C TYR A 330 22.61 -7.48 13.97
N PRO A 331 22.14 -7.02 15.14
CA PRO A 331 22.89 -6.78 16.39
C PRO A 331 23.16 -8.06 17.19
N SER A 332 22.47 -9.15 16.87
CA SER A 332 22.64 -10.40 17.58
C SER A 332 22.77 -11.55 16.59
N PRO A 333 23.58 -12.55 16.92
CA PRO A 333 23.69 -13.72 16.03
C PRO A 333 22.42 -14.56 16.05
N VAL A 334 21.67 -14.53 14.96
CA VAL A 334 20.42 -15.26 14.82
C VAL A 334 20.31 -15.85 13.42
N LEU A 335 19.41 -16.82 13.29
CA LEU A 335 18.97 -17.36 12.02
C LEU A 335 17.53 -16.92 11.82
N MET A 336 17.29 -16.12 10.79
CA MET A 336 15.96 -15.64 10.46
C MET A 336 15.29 -16.66 9.56
N VAL A 337 14.13 -17.15 9.97
CA VAL A 337 13.37 -18.15 9.23
C VAL A 337 12.14 -17.48 8.64
N SER A 338 12.07 -17.47 7.31
CA SER A 338 10.91 -16.98 6.61
C SER A 338 9.95 -18.13 6.34
N SER A 339 8.65 -17.86 6.42
CA SER A 339 7.62 -18.86 6.23
C SER A 339 7.02 -18.72 4.83
N HIS A 340 6.72 -19.86 4.21
CA HIS A 340 6.14 -19.89 2.87
C HIS A 340 5.16 -21.04 2.77
N ILE A 341 4.43 -21.05 1.66
CA ILE A 341 3.48 -22.10 1.33
C ILE A 341 3.81 -22.63 -0.05
N ILE A 342 3.82 -23.96 -0.21
CA ILE A 342 4.08 -24.58 -1.50
C ILE A 342 3.16 -25.77 -1.68
N PHE A 343 2.66 -25.96 -2.89
CA PHE A 343 1.58 -26.90 -3.13
C PHE A 343 2.06 -28.11 -3.91
N THR A 344 1.26 -29.17 -3.83
CA THR A 344 1.47 -30.40 -4.57
C THR A 344 0.13 -30.88 -5.08
N MET A 345 0.16 -31.72 -6.11
CA MET A 345 -1.10 -32.24 -6.64
C MET A 345 -1.60 -33.41 -5.79
N ASP A 346 -0.72 -34.32 -5.41
CA ASP A 346 -1.08 -35.49 -4.64
C ASP A 346 -0.52 -35.47 -3.23
N GLY A 347 0.28 -34.47 -2.89
CA GLY A 347 0.97 -34.43 -1.62
C GLY A 347 2.46 -34.70 -1.71
N ILE A 348 3.02 -34.77 -2.92
CA ILE A 348 4.43 -35.12 -3.10
C ILE A 348 5.02 -34.39 -4.30
N ASN A 349 4.24 -34.25 -5.38
CA ASN A 349 4.73 -33.70 -6.63
C ASN A 349 4.20 -32.29 -6.84
N LEU A 350 5.10 -31.35 -7.12
CA LEU A 350 4.75 -29.94 -7.18
C LEU A 350 4.05 -29.57 -8.47
N ILE A 351 3.24 -28.51 -8.40
CA ILE A 351 2.71 -27.85 -9.59
C ILE A 351 3.72 -26.77 -10.01
N LYS A 352 4.39 -26.97 -11.12
CA LYS A 352 5.44 -26.03 -11.50
C LYS A 352 4.98 -24.82 -12.28
N SER A 353 4.31 -23.88 -11.63
CA SER A 353 3.79 -22.73 -12.35
C SER A 353 3.62 -21.48 -11.51
N SER A 355 2.59 -19.52 -11.37
CA SER A 355 1.28 -18.93 -11.19
C SER A 355 0.49 -19.74 -10.20
N ILE A 356 0.20 -20.98 -10.54
CA ILE A 356 -0.61 -21.76 -9.65
C ILE A 356 -0.04 -21.58 -8.26
N GLN A 357 1.25 -21.82 -8.12
CA GLN A 357 1.90 -21.67 -6.82
C GLN A 357 2.18 -20.20 -6.61
N HIS A 358 1.15 -19.43 -6.36
CA HIS A 358 1.31 -18.03 -6.14
C HIS A 358 -0.09 -17.70 -5.86
N SER A 359 -0.90 -17.76 -6.90
CA SER A 359 -2.30 -17.54 -6.74
C SER A 359 -2.77 -18.37 -5.60
N SER A 360 -2.46 -19.65 -5.65
CA SER A 360 -2.96 -20.54 -4.63
C SER A 360 -2.38 -20.19 -3.27
N ARG A 361 -1.15 -19.72 -3.24
CA ARG A 361 -0.55 -19.34 -2.00
C ARG A 361 -1.29 -18.16 -1.43
N ARG A 362 -1.44 -17.14 -2.24
CA ARG A 362 -2.23 -16.00 -1.78
C ARG A 362 -3.59 -16.46 -1.25
N LYS A 363 -4.29 -17.27 -2.05
CA LYS A 363 -5.64 -17.70 -1.69
C LYS A 363 -5.65 -18.61 -0.45
N GLN A 364 -4.56 -19.31 -0.16
CA GLN A 364 -4.52 -20.13 1.03
C GLN A 364 -4.08 -19.35 2.26
N GLY A 365 -2.99 -18.59 2.14
CA GLY A 365 -2.47 -17.80 3.24
C GLY A 365 -3.41 -16.72 3.74
N LYS A 366 -4.29 -16.20 2.89
CA LYS A 366 -5.27 -15.22 3.36
C LYS A 366 -6.13 -15.75 4.50
N ASN A 367 -6.27 -17.07 4.62
CA ASN A 367 -7.08 -17.67 5.68
C ASN A 367 -6.33 -17.82 6.99
N TRP A 368 -5.01 -17.67 6.99
CA TRP A 368 -4.22 -17.79 8.20
C TRP A 368 -3.90 -16.42 8.77
N TRP A 369 -3.78 -16.36 10.09
CA TRP A 369 -3.51 -15.10 10.78
C TRP A 369 -2.34 -15.32 11.73
N ASN A 370 -2.19 -14.39 12.69
CA ASN A 370 -1.02 -14.38 13.57
C ASN A 370 -0.84 -15.73 14.26
N ASP A 371 -1.91 -16.23 14.90
CA ASP A 371 -1.83 -17.49 15.62
C ASP A 371 -1.36 -18.62 14.74
N LYS A 372 -1.99 -18.79 13.56
CA LYS A 372 -1.70 -19.93 12.72
C LYS A 372 -0.29 -19.87 12.14
N TRP A 373 0.11 -18.70 11.64
CA TRP A 373 1.46 -18.56 11.09
C TRP A 373 2.51 -18.84 12.15
N ARG A 374 2.33 -18.26 13.34
CA ARG A 374 3.30 -18.47 14.41
C ARG A 374 3.35 -19.94 14.83
N GLU A 375 2.18 -20.57 14.99
CA GLU A 375 2.14 -21.99 15.36
C GLU A 375 2.85 -22.84 14.33
N LYS A 376 2.61 -22.59 13.05
CA LYS A 376 3.21 -23.42 12.01
C LYS A 376 4.73 -23.23 11.97
N LEU A 377 5.20 -21.98 12.09
CA LEU A 377 6.64 -21.76 12.09
C LEU A 377 7.30 -22.46 13.28
N LEU A 378 6.74 -22.27 14.48
CA LEU A 378 7.35 -22.87 15.67
C LEU A 378 7.28 -24.40 15.62
N ALA A 379 6.19 -24.94 15.07
CA ALA A 379 6.04 -26.38 14.99
C ALA A 379 7.04 -26.98 14.00
N PHE A 380 7.17 -26.36 12.82
CA PHE A 380 8.19 -26.81 11.88
C PHE A 380 9.57 -26.76 12.53
N ILE A 381 9.92 -25.62 13.14
CA ILE A 381 11.25 -25.48 13.73
C ILE A 381 11.50 -26.55 14.79
N ARG A 382 10.51 -26.80 15.65
CA ARG A 382 10.67 -27.84 16.66
C ARG A 382 10.72 -29.23 16.05
N PHE A 383 10.16 -29.41 14.85
CA PHE A 383 10.13 -30.73 14.23
C PHE A 383 11.52 -31.15 13.78
N LEU A 384 12.21 -30.31 13.02
CA LEU A 384 13.55 -30.63 12.54
C LEU A 384 14.63 -30.24 13.54
N SER A 385 14.27 -30.24 14.82
CA SER A 385 15.23 -29.95 15.83
C SER A 385 15.96 -31.22 16.16
N ASP A 386 16.98 -31.14 17.02
CA ASP A 386 17.76 -32.30 17.38
C ASP A 386 17.81 -32.43 18.88
N GLN A 387 17.11 -31.59 19.60
CA GLN A 387 17.09 -31.59 21.05
C GLN A 387 16.33 -30.37 21.44
N ASN A 388 17.03 -29.38 21.99
CA ASN A 388 16.41 -28.10 22.27
C ASN A 388 16.99 -27.17 21.21
N ALA A 389 17.59 -27.75 20.19
CA ALA A 389 18.22 -26.95 19.16
C ALA A 389 18.45 -27.74 17.92
N ILE A 390 19.05 -27.10 16.93
CA ILE A 390 19.30 -27.75 15.66
C ILE A 390 20.77 -27.66 15.34
N TYR A 391 21.46 -28.79 15.39
CA TYR A 391 22.89 -28.84 15.12
C TYR A 391 23.13 -28.64 13.63
N LEU A 392 24.11 -27.79 13.30
CA LEU A 392 24.60 -27.63 11.94
C LEU A 392 26.06 -28.06 11.90
N ASN A 393 26.39 -28.86 10.89
CA ASN A 393 27.74 -29.41 10.74
C ASN A 393 28.54 -28.49 9.81
N VAL A 394 29.39 -27.66 10.41
CA VAL A 394 30.39 -26.90 9.66
C VAL A 394 31.74 -27.58 9.65
N GLY A 395 31.85 -28.76 10.25
CA GLY A 395 33.09 -29.51 10.26
C GLY A 395 32.83 -30.89 10.82
N SER A 396 33.90 -31.68 10.87
CA SER A 396 33.78 -33.02 11.42
C SER A 396 33.48 -32.98 12.91
N GLU A 397 34.10 -32.06 13.64
CA GLU A 397 33.88 -31.93 15.07
C GLU A 397 33.38 -30.55 15.50
N GLU A 398 33.31 -29.58 14.58
CA GLU A 398 32.72 -28.29 14.87
C GLU A 398 31.26 -28.26 14.42
N LYS A 399 30.48 -27.39 15.05
CA LYS A 399 29.05 -27.32 14.78
C LYS A 399 28.51 -26.01 15.34
N ILE A 400 27.33 -25.64 14.86
CA ILE A 400 26.59 -24.51 15.42
C ILE A 400 25.25 -25.02 15.94
N LEU A 401 24.76 -24.38 17.00
CA LEU A 401 23.50 -24.75 17.62
C LEU A 401 22.53 -23.59 17.51
N ILE A 402 21.36 -23.82 16.91
CA ILE A 402 20.32 -22.82 16.83
C ILE A 402 19.17 -23.25 17.74
N SER A 403 18.85 -22.44 18.74
CA SER A 403 17.73 -22.74 19.61
C SER A 403 16.43 -22.83 18.82
N ASN A 404 15.60 -23.82 19.15
CA ASN A 404 14.28 -23.91 18.56
C ASN A 404 13.27 -22.97 19.21
N LYS A 405 13.70 -22.18 20.20
CA LYS A 405 12.88 -21.14 20.78
C LYS A 405 13.37 -19.78 20.27
N PRO A 406 12.53 -19.01 19.60
CA PRO A 406 13.02 -17.80 18.92
C PRO A 406 13.26 -16.65 19.89
N LEU A 407 14.13 -15.74 19.47
CA LEU A 407 14.30 -14.47 20.17
C LEU A 407 12.96 -13.75 20.23
N LYS A 408 12.59 -13.29 21.43
CA LYS A 408 11.32 -12.62 21.62
C LYS A 408 11.53 -11.18 22.05
N PHE A 409 10.66 -10.30 21.56
CA PHE A 409 10.69 -8.87 21.82
C PHE A 409 9.57 -8.52 22.80
N PHE A 410 9.55 -7.27 23.23
CA PHE A 410 8.45 -6.82 24.07
C PHE A 410 8.30 -5.31 23.94
N GLY A 411 7.05 -4.84 24.03
CA GLY A 411 6.75 -3.44 23.87
C GLY A 411 5.89 -2.94 25.02
N LYS A 412 5.86 -1.62 25.15
CA LYS A 412 5.13 -0.98 26.23
C LYS A 412 3.69 -0.63 25.86
N MET A 413 3.37 -0.53 24.57
CA MET A 413 2.04 -0.12 24.13
C MET A 413 1.41 -1.25 23.33
N SER A 414 0.27 -1.74 23.81
CA SER A 414 -0.50 -2.75 23.08
C SER A 414 -1.93 -2.26 22.87
N TYR A 415 -2.82 -3.17 22.46
CA TYR A 415 -4.20 -2.80 22.19
C TYR A 415 -5.13 -3.85 22.79
N VAL A 416 -6.38 -3.45 22.98
CA VAL A 416 -7.42 -4.37 23.42
C VAL A 416 -7.84 -5.22 22.23
N THR A 417 -7.68 -6.53 22.35
CA THR A 417 -7.99 -7.44 21.26
C THR A 417 -9.50 -7.43 20.97
N PRO A 418 -9.92 -7.09 19.75
CA PRO A 418 -11.37 -7.11 19.45
C PRO A 418 -11.91 -8.53 19.40
N SER A 419 -12.64 -8.93 20.45
CA SER A 419 -13.17 -10.29 20.52
C SER A 419 -13.99 -10.63 19.29
N GLU A 420 -14.74 -9.66 18.78
CA GLU A 420 -15.47 -9.83 17.52
C GLU A 420 -14.44 -9.93 16.41
N VAL A 421 -14.12 -11.17 16.01
CA VAL A 421 -13.12 -11.39 14.98
C VAL A 421 -13.67 -10.86 13.67
N THR A 422 -13.14 -9.72 13.22
CA THR A 422 -13.37 -9.22 11.88
C THR A 422 -12.40 -9.80 10.88
N LEU A 423 -11.44 -10.62 11.35
CA LEU A 423 -10.54 -11.32 10.44
C LEU A 423 -11.30 -12.24 9.51
N GLU A 424 -12.42 -12.80 9.97
CA GLU A 424 -13.25 -13.60 9.09
C GLU A 424 -13.81 -12.76 7.96
N GLU A 425 -14.37 -11.59 8.28
CA GLU A 425 -14.87 -10.69 7.26
C GLU A 425 -13.77 -10.27 6.30
N GLU A 426 -12.55 -10.05 6.82
CA GLU A 426 -11.44 -9.63 5.98
C GLU A 426 -11.01 -10.75 5.04
N SER A 427 -10.82 -11.95 5.58
CA SER A 427 -10.36 -13.08 4.77
C SER A 427 -11.43 -13.58 3.81
N VAL A 428 -12.70 -13.24 4.04
CA VAL A 428 -13.72 -13.57 3.06
C VAL A 428 -13.49 -12.79 1.77
N LEU A 429 -12.90 -11.59 1.87
CA LEU A 429 -12.59 -10.77 0.70
C LEU A 429 -11.51 -11.47 -0.13
N ALA A 430 -11.96 -12.37 -1.00
CA ALA A 430 -11.11 -13.13 -1.90
C ALA A 430 -11.44 -12.81 -3.36
N ASP A 431 -11.70 -11.55 -3.64
CA ASP A 431 -12.06 -11.10 -4.98
C ASP A 431 -10.84 -10.97 -5.89
N MET B 1 15.06 -10.27 26.21
CA MET B 1 14.02 -9.61 25.42
C MET B 1 14.49 -8.26 24.89
N LYS B 2 14.31 -8.05 23.60
CA LYS B 2 14.62 -6.78 22.97
C LYS B 2 13.41 -5.85 23.07
N GLU B 3 13.68 -4.56 23.21
CA GLU B 3 12.65 -3.57 23.48
C GLU B 3 12.26 -2.82 22.21
N LEU B 4 10.97 -2.60 22.04
CA LEU B 4 10.45 -1.79 20.95
C LEU B 4 9.95 -0.46 21.48
N ILE B 5 9.97 0.55 20.63
CA ILE B 5 9.36 1.83 20.94
C ILE B 5 8.03 1.93 20.19
N TYR B 6 7.24 2.95 20.54
CA TYR B 6 5.98 3.21 19.85
C TYR B 6 6.03 4.62 19.27
N ILE B 7 5.73 4.74 17.99
CA ILE B 7 5.68 6.03 17.30
C ILE B 7 4.21 6.40 17.15
N GLU B 8 3.81 7.47 17.83
CA GLU B 8 2.42 7.91 17.79
C GLU B 8 1.99 8.19 16.36
N GLU B 9 0.77 7.80 16.03
CA GLU B 9 0.25 7.96 14.67
C GLU B 9 0.19 9.43 14.30
N PRO B 10 0.85 9.85 13.22
CA PRO B 10 0.83 11.27 12.86
C PRO B 10 -0.55 11.73 12.47
N SER B 11 -0.76 13.04 12.60
CA SER B 11 -2.05 13.66 12.31
C SER B 11 -2.00 14.41 10.99
N ILE B 12 -3.14 14.44 10.30
CA ILE B 12 -3.30 15.18 9.05
C ILE B 12 -4.32 16.28 9.26
N LEU B 13 -4.05 17.46 8.72
CA LEU B 13 -4.88 18.63 8.93
C LEU B 13 -5.92 18.76 7.82
N PHE B 14 -7.16 19.06 8.22
CA PHE B 14 -8.25 19.23 7.26
C PHE B 14 -8.76 20.66 7.29
N ALA B 15 -10.07 20.83 7.07
CA ALA B 15 -10.68 22.15 7.09
C ALA B 15 -10.91 22.61 8.53
N HIS B 16 -11.09 23.93 8.68
CA HIS B 16 -11.35 24.54 9.99
C HIS B 16 -10.24 24.25 11.00
N GLY B 17 -9.02 24.06 10.50
CA GLY B 17 -7.87 23.90 11.37
C GLY B 17 -7.92 22.68 12.27
N GLN B 18 -8.64 21.65 11.87
CA GLN B 18 -8.78 20.44 12.67
C GLN B 18 -7.84 19.36 12.16
N LYS B 19 -7.30 18.57 13.10
CA LYS B 19 -6.36 17.52 12.78
C LYS B 19 -6.93 16.17 13.21
N CYS B 20 -6.54 15.12 12.48
CA CYS B 20 -7.10 13.80 12.70
C CYS B 20 -6.12 12.75 12.18
N THR B 21 -6.45 11.48 12.43
CA THR B 21 -5.62 10.37 11.98
C THR B 21 -6.22 9.63 10.79
N ASP B 22 -7.52 9.74 10.56
CA ASP B 22 -8.18 9.04 9.46
C ASP B 22 -8.68 10.06 8.46
N PRO B 23 -8.20 10.04 7.21
CA PRO B 23 -8.65 11.06 6.25
C PRO B 23 -10.13 10.98 5.92
N ARG B 24 -10.71 9.77 5.95
CA ARG B 24 -12.15 9.65 5.70
C ARG B 24 -12.95 10.38 6.78
N ASP B 25 -12.63 10.13 8.05
CA ASP B 25 -13.35 10.77 9.14
C ASP B 25 -13.12 12.27 9.15
N GLY B 26 -11.88 12.71 8.91
CA GLY B 26 -11.59 14.13 8.90
C GLY B 26 -12.28 14.86 7.76
N LEU B 27 -12.37 14.21 6.60
CA LEU B 27 -13.07 14.80 5.47
C LEU B 27 -14.58 14.84 5.73
N ALA B 28 -15.12 13.81 6.38
CA ALA B 28 -16.56 13.76 6.62
C ALA B 28 -16.97 14.79 7.65
N LEU B 29 -16.22 14.89 8.75
CA LEU B 29 -16.60 15.80 9.84
C LEU B 29 -16.34 17.26 9.48
N PHE B 30 -15.14 17.56 9.00
CA PHE B 30 -14.72 18.95 8.79
C PHE B 30 -14.73 19.33 7.31
N GLY B 31 -14.03 18.59 6.48
CA GLY B 31 -13.98 18.88 5.06
C GLY B 31 -12.56 18.94 4.53
N PRO B 32 -12.43 19.25 3.25
CA PRO B 32 -11.10 19.31 2.64
C PRO B 32 -10.35 20.58 3.04
N LEU B 33 -9.02 20.47 3.06
CA LEU B 33 -8.16 21.60 3.36
C LEU B 33 -8.36 22.72 2.35
N ASN B 34 -7.97 22.50 1.11
CA ASN B 34 -8.30 23.41 0.04
C ASN B 34 -9.74 23.20 -0.40
N GLN B 35 -10.35 24.26 -0.93
CA GLN B 35 -11.75 24.22 -1.33
C GLN B 35 -11.89 24.70 -2.77
N ILE B 36 -12.64 23.96 -3.57
CA ILE B 36 -13.00 24.37 -4.93
C ILE B 36 -14.51 24.49 -5.01
N TYR B 37 -14.99 25.12 -6.07
CA TYR B 37 -16.40 25.41 -6.25
C TYR B 37 -16.87 24.74 -7.55
N GLY B 38 -16.92 23.42 -7.54
CA GLY B 38 -17.44 22.69 -8.68
C GLY B 38 -16.37 21.90 -9.39
N ILE B 39 -16.75 20.70 -9.84
CA ILE B 39 -15.88 19.84 -10.63
C ILE B 39 -16.45 19.79 -12.04
N LYS B 40 -15.80 20.48 -12.97
CA LYS B 40 -16.22 20.50 -14.37
C LYS B 40 -15.65 19.25 -15.04
N SER B 41 -16.51 18.25 -15.24
CA SER B 41 -16.08 16.93 -15.70
C SER B 41 -16.02 16.87 -17.21
N GLY B 42 -14.88 16.41 -17.74
CA GLY B 42 -14.77 16.02 -19.13
C GLY B 42 -14.83 14.51 -19.23
N VAL B 43 -15.65 14.03 -20.18
CA VAL B 43 -15.92 12.61 -20.31
C VAL B 43 -15.60 12.19 -21.74
N VAL B 44 -14.73 11.18 -21.87
CA VAL B 44 -14.43 10.56 -23.16
C VAL B 44 -14.83 9.09 -23.10
N GLY B 45 -15.61 8.66 -24.06
CA GLY B 45 -16.01 7.26 -24.12
C GLY B 45 -17.30 7.11 -24.90
N THR B 46 -17.82 5.89 -24.88
CA THR B 46 -19.08 5.61 -25.57
C THR B 46 -20.23 6.29 -24.85
N GLN B 47 -21.38 6.33 -25.53
CA GLN B 47 -22.58 6.86 -24.89
C GLN B 47 -22.96 6.03 -23.68
N LYS B 48 -22.76 4.71 -23.75
CA LYS B 48 -23.01 3.86 -22.58
C LYS B 48 -22.04 4.19 -21.46
N GLY B 49 -20.78 4.51 -21.80
CA GLY B 49 -19.84 4.95 -20.78
C GLY B 49 -20.28 6.23 -20.12
N LEU B 50 -20.78 7.19 -20.91
CA LEU B 50 -21.30 8.42 -20.34
C LEU B 50 -22.49 8.14 -19.43
N GLN B 51 -23.36 7.21 -19.84
CA GLN B 51 -24.50 6.86 -18.99
C GLN B 51 -24.03 6.27 -17.67
N ILE B 52 -23.03 5.38 -17.72
CA ILE B 52 -22.51 4.78 -16.49
C ILE B 52 -21.91 5.84 -15.59
N PHE B 53 -21.13 6.75 -16.17
CA PHE B 53 -20.52 7.82 -15.39
C PHE B 53 -21.58 8.70 -14.75
N LYS B 54 -22.61 9.06 -15.51
CA LYS B 54 -23.68 9.90 -14.94
C LYS B 54 -24.43 9.16 -13.84
N SER B 55 -24.59 7.84 -14.00
CA SER B 55 -25.26 7.06 -12.96
C SER B 55 -24.44 7.04 -11.68
N TYR B 56 -23.12 6.89 -11.80
CA TYR B 56 -22.28 6.93 -10.61
C TYR B 56 -22.29 8.31 -9.97
N LEU B 57 -22.29 9.37 -10.80
CA LEU B 57 -22.37 10.73 -10.28
C LEU B 57 -23.65 10.94 -9.50
N ASP B 58 -24.77 10.41 -10.00
CA ASP B 58 -26.02 10.49 -9.26
C ASP B 58 -25.97 9.65 -7.99
N LYS B 59 -25.26 8.51 -8.02
CA LYS B 59 -25.23 7.63 -6.87
C LYS B 59 -24.45 8.26 -5.71
N ILE B 60 -23.30 8.86 -5.99
CA ILE B 60 -22.43 9.35 -4.91
C ILE B 60 -23.01 10.60 -4.25
N GLN B 61 -24.13 11.11 -4.77
CA GLN B 61 -24.84 12.18 -4.08
C GLN B 61 -25.40 11.69 -2.75
N LYS B 62 -26.04 10.53 -2.77
CA LYS B 62 -26.60 9.91 -1.58
C LYS B 62 -25.49 9.22 -0.80
N PRO B 63 -25.75 8.84 0.46
CA PRO B 63 -24.75 8.10 1.21
C PRO B 63 -24.55 6.70 0.65
N ILE B 64 -23.34 6.18 0.81
CA ILE B 64 -22.99 4.83 0.38
C ILE B 64 -22.30 4.14 1.54
N TYR B 65 -22.89 3.04 2.00
CA TYR B 65 -22.37 2.32 3.17
C TYR B 65 -21.48 1.16 2.75
N ASN B 66 -20.57 0.78 3.64
CA ASN B 66 -19.80 -0.44 3.50
C ASN B 66 -20.47 -1.54 4.31
N HIS B 67 -19.87 -2.73 4.29
CA HIS B 67 -20.38 -3.83 5.09
C HIS B 67 -20.09 -3.59 6.57
N ASN B 68 -18.82 -3.68 6.94
CA ASN B 68 -18.38 -3.33 8.29
C ASN B 68 -17.92 -1.88 8.27
N ASN B 69 -18.77 -0.98 8.75
CA ASN B 69 -18.51 0.44 8.68
C ASN B 69 -17.50 0.93 9.73
N ILE B 70 -16.98 0.03 10.55
CA ILE B 70 -15.89 0.39 11.47
C ILE B 70 -14.53 0.24 10.79
N THR B 71 -14.31 -0.89 10.12
CA THR B 71 -13.08 -1.07 9.35
C THR B 71 -12.99 -0.05 8.21
N ARG B 72 -14.05 0.02 7.41
CA ARG B 72 -14.14 0.98 6.30
C ARG B 72 -15.27 1.96 6.58
N PRO B 73 -14.96 3.20 6.99
CA PRO B 73 -16.02 4.15 7.34
C PRO B 73 -16.89 4.48 6.15
N MET B 74 -18.13 4.86 6.46
CA MET B 74 -19.13 5.12 5.43
C MET B 74 -18.79 6.40 4.66
N PHE B 75 -19.55 6.62 3.60
CA PHE B 75 -19.38 7.80 2.74
C PHE B 75 -20.64 8.64 2.79
N PRO B 76 -20.62 9.80 3.44
CA PRO B 76 -21.87 10.57 3.60
C PRO B 76 -22.40 11.14 2.30
N GLY B 77 -21.62 11.20 1.24
CA GLY B 77 -22.07 11.82 0.01
C GLY B 77 -21.11 12.92 -0.41
N PHE B 78 -21.05 13.21 -1.71
CA PHE B 78 -20.03 14.13 -2.20
C PHE B 78 -20.20 15.53 -1.61
N GLU B 79 -21.38 16.11 -1.77
CA GLU B 79 -21.60 17.47 -1.28
C GLU B 79 -21.47 17.54 0.24
N ALA B 80 -21.94 16.51 0.94
CA ALA B 80 -21.85 16.49 2.40
C ALA B 80 -20.43 16.32 2.92
N VAL B 81 -19.44 16.14 2.04
CA VAL B 81 -18.07 15.89 2.48
C VAL B 81 -17.17 17.01 2.01
N PHE B 82 -17.08 17.19 0.70
CA PHE B 82 -16.17 18.15 0.09
C PHE B 82 -16.76 19.54 -0.03
N GLY B 83 -18.01 19.75 0.39
CA GLY B 83 -18.65 21.04 0.22
C GLY B 83 -18.73 21.49 -1.22
N CYS B 84 -18.57 20.57 -2.16
CA CYS B 84 -18.54 20.87 -3.58
C CYS B 84 -19.62 20.05 -4.27
N LYS B 85 -19.83 20.32 -5.56
CA LYS B 85 -20.79 19.59 -6.36
C LYS B 85 -20.10 18.98 -7.57
N TRP B 86 -20.30 17.68 -7.78
CA TRP B 86 -19.75 16.96 -8.91
C TRP B 86 -20.92 16.48 -9.78
N GLU B 87 -21.59 17.43 -10.41
CA GLU B 87 -22.85 17.20 -11.10
C GLU B 87 -22.63 16.78 -12.54
N SER B 88 -23.57 16.00 -13.06
CA SER B 88 -23.60 15.65 -14.48
C SER B 88 -24.06 16.80 -15.35
N GLN B 89 -24.54 17.89 -14.75
CA GLN B 89 -24.93 19.06 -15.53
C GLN B 89 -23.73 19.71 -16.22
N ASN B 90 -22.54 19.59 -15.64
CA ASN B 90 -21.32 20.15 -16.22
C ASN B 90 -20.44 19.01 -16.71
N ILE B 91 -20.88 18.35 -17.77
CA ILE B 91 -20.15 17.27 -18.41
C ILE B 91 -19.92 17.65 -19.86
N VAL B 92 -18.65 17.81 -20.23
CA VAL B 92 -18.27 18.06 -21.62
C VAL B 92 -17.93 16.71 -22.24
N PHE B 93 -18.84 16.21 -23.06
CA PHE B 93 -18.78 14.84 -23.58
C PHE B 93 -18.17 14.83 -24.97
N LYS B 94 -17.13 14.03 -25.15
CA LYS B 94 -16.53 13.78 -26.46
C LYS B 94 -16.70 12.30 -26.76
N GLU B 95 -17.58 11.98 -27.71
CA GLU B 95 -18.02 10.61 -27.89
C GLU B 95 -17.00 9.79 -28.67
N ILE B 96 -16.74 8.57 -28.20
CA ILE B 96 -16.04 7.56 -28.98
C ILE B 96 -17.10 6.58 -29.47
N THR B 97 -17.23 6.49 -30.79
CA THR B 97 -18.27 5.64 -31.35
C THR B 97 -17.86 4.17 -31.30
N ASP B 98 -18.87 3.30 -31.38
CA ASP B 98 -18.59 1.87 -31.32
C ASP B 98 -17.84 1.40 -32.55
N GLU B 99 -18.20 1.90 -33.73
CA GLU B 99 -17.48 1.52 -34.93
C GLU B 99 -16.05 2.03 -34.91
N GLU B 100 -15.81 3.18 -34.24
CA GLU B 100 -14.43 3.64 -34.07
C GLU B 100 -13.61 2.64 -33.27
N ILE B 101 -14.21 2.05 -32.24
CA ILE B 101 -13.51 1.04 -31.45
C ILE B 101 -13.28 -0.21 -32.28
N ARG B 102 -14.30 -0.67 -33.01
CA ARG B 102 -14.15 -1.85 -33.85
C ARG B 102 -13.11 -1.64 -34.95
N ARG B 103 -12.88 -0.39 -35.36
CA ARG B 103 -11.91 -0.12 -36.42
C ARG B 103 -10.48 -0.40 -35.97
N TYR B 104 -10.17 -0.18 -34.69
CA TYR B 104 -8.80 -0.23 -34.21
C TYR B 104 -8.53 -1.31 -33.17
N LEU B 105 -9.57 -1.92 -32.59
CA LEU B 105 -9.37 -2.94 -31.58
C LEU B 105 -9.18 -4.33 -32.17
N PHE B 106 -9.40 -4.51 -33.47
CA PHE B 106 -9.31 -5.86 -34.01
C PHE B 106 -8.13 -5.98 -34.96
N ASN B 107 -6.96 -5.54 -34.49
CA ASN B 107 -5.70 -5.72 -35.17
C ASN B 107 -4.91 -6.82 -34.48
N ALA B 108 -4.23 -7.64 -35.28
CA ALA B 108 -3.56 -8.83 -34.73
C ALA B 108 -2.43 -8.45 -33.77
N SER B 109 -1.83 -7.28 -33.91
CA SER B 109 -0.75 -6.85 -33.04
C SER B 109 -1.29 -6.06 -31.87
N THR B 110 -0.77 -6.35 -30.67
CA THR B 110 -1.22 -5.65 -29.48
C THR B 110 -0.71 -4.21 -29.45
N HIS B 111 0.51 -3.98 -29.94
CA HIS B 111 1.10 -2.66 -29.86
C HIS B 111 0.34 -1.67 -30.74
N LYS B 112 0.06 -2.04 -31.99
CA LYS B 112 -0.70 -1.15 -32.87
C LYS B 112 -2.12 -0.96 -32.34
N ARG B 113 -2.74 -2.03 -31.84
CA ARG B 113 -4.05 -1.93 -31.20
C ARG B 113 -4.08 -0.84 -30.14
N THR B 114 -3.20 -0.99 -29.14
CA THR B 114 -3.17 -0.06 -28.03
C THR B 114 -2.79 1.35 -28.49
N TYR B 115 -1.84 1.47 -29.42
CA TYR B 115 -1.44 2.78 -29.88
C TYR B 115 -2.60 3.48 -30.58
N ASP B 116 -3.32 2.77 -31.44
CA ASP B 116 -4.44 3.37 -32.15
C ASP B 116 -5.53 3.81 -31.18
N LEU B 117 -5.84 2.97 -30.18
CA LEU B 117 -6.92 3.33 -29.28
C LEU B 117 -6.52 4.48 -28.35
N VAL B 118 -5.29 4.43 -27.82
CA VAL B 118 -4.77 5.53 -27.02
C VAL B 118 -4.79 6.82 -27.83
N THR B 119 -4.42 6.74 -29.10
CA THR B 119 -4.46 7.92 -29.95
C THR B 119 -5.89 8.41 -30.14
N LEU B 120 -6.83 7.49 -30.31
CA LEU B 120 -8.22 7.89 -30.51
C LEU B 120 -8.76 8.64 -29.30
N PHE B 121 -8.42 8.17 -28.10
CA PHE B 121 -8.85 8.87 -26.89
C PHE B 121 -8.10 10.19 -26.70
N ASN B 122 -6.78 10.17 -26.95
CA ASN B 122 -5.96 11.33 -26.69
C ASN B 122 -6.29 12.48 -27.63
N ASP B 123 -6.56 12.18 -28.91
CA ASP B 123 -6.89 13.23 -29.85
C ASP B 123 -8.17 13.95 -29.45
N LYS B 124 -9.18 13.19 -29.00
CA LYS B 124 -10.40 13.81 -28.50
C LYS B 124 -10.11 14.70 -27.30
N ILE B 125 -9.35 14.18 -26.33
CA ILE B 125 -9.02 14.96 -25.13
C ILE B 125 -8.32 16.27 -25.51
N ILE B 126 -7.30 16.17 -26.36
CA ILE B 126 -6.47 17.34 -26.67
C ILE B 126 -7.23 18.34 -27.54
N THR B 127 -8.05 17.85 -28.48
CA THR B 127 -8.83 18.75 -29.32
C THR B 127 -9.86 19.50 -28.49
N ALA B 128 -10.56 18.79 -27.59
CA ALA B 128 -11.51 19.47 -26.72
C ALA B 128 -10.80 20.39 -25.74
N ASN B 129 -9.54 20.11 -25.41
CA ASN B 129 -8.76 20.99 -24.55
C ASN B 129 -8.38 22.28 -25.27
N LYS B 130 -8.00 22.18 -26.54
CA LYS B 130 -7.46 23.34 -27.23
C LYS B 130 -8.57 24.19 -27.85
N ASN B 131 -9.34 23.62 -28.78
CA ASN B 131 -10.31 24.35 -29.58
C ASN B 131 -11.30 25.14 -28.73
N ASP B 132 -12.22 24.45 -28.07
CA ASP B 132 -13.28 25.11 -27.30
C ASP B 132 -12.83 25.38 -25.87
N GLU B 133 -11.66 26.02 -25.74
CA GLU B 133 -11.15 26.54 -24.46
C GLU B 133 -10.84 25.46 -23.44
N GLU B 134 -10.16 25.84 -22.36
CA GLU B 134 -9.88 24.93 -21.25
C GLU B 134 -10.88 25.26 -20.14
N ARG B 135 -12.02 24.57 -20.18
CA ARG B 135 -13.14 24.85 -19.30
C ARG B 135 -13.45 23.72 -18.33
N VAL B 136 -12.72 22.62 -18.40
CA VAL B 136 -12.97 21.48 -17.52
C VAL B 136 -11.78 21.30 -16.58
N ASP B 137 -12.06 20.66 -15.45
CA ASP B 137 -11.04 20.44 -14.42
C ASP B 137 -10.32 19.11 -14.62
N VAL B 138 -11.08 18.01 -14.71
CA VAL B 138 -10.52 16.68 -14.90
C VAL B 138 -11.17 16.05 -16.12
N TRP B 139 -10.39 15.26 -16.86
CA TRP B 139 -10.90 14.46 -17.96
C TRP B 139 -11.01 13.01 -17.50
N PHE B 140 -12.22 12.47 -17.54
CA PHE B 140 -12.49 11.13 -17.04
C PHE B 140 -12.58 10.18 -18.23
N VAL B 141 -11.56 9.34 -18.39
CA VAL B 141 -11.49 8.37 -19.47
C VAL B 141 -12.26 7.13 -19.03
N ILE B 142 -13.44 6.93 -19.60
CA ILE B 142 -14.31 5.79 -19.29
C ILE B 142 -13.95 4.67 -20.25
N VAL B 143 -13.17 3.72 -19.78
CA VAL B 143 -12.59 2.67 -20.62
C VAL B 143 -13.58 1.51 -20.71
N PRO B 144 -14.02 1.11 -21.90
CA PRO B 144 -14.82 -0.11 -22.02
C PRO B 144 -14.00 -1.33 -21.62
N GLU B 145 -14.73 -2.41 -21.31
CA GLU B 145 -14.06 -3.60 -20.81
C GLU B 145 -13.25 -4.31 -21.89
N GLU B 146 -13.75 -4.32 -23.13
CA GLU B 146 -13.03 -5.00 -24.21
C GLU B 146 -11.68 -4.35 -24.45
N ILE B 147 -11.63 -3.02 -24.44
CA ILE B 147 -10.37 -2.31 -24.61
C ILE B 147 -9.40 -2.66 -23.49
N TYR B 148 -9.89 -2.64 -22.24
CA TYR B 148 -9.01 -2.97 -21.13
C TYR B 148 -8.47 -4.39 -21.24
N LYS B 149 -9.31 -5.32 -21.72
CA LYS B 149 -8.87 -6.71 -21.81
C LYS B 149 -7.80 -6.89 -22.88
N TYR B 150 -8.02 -6.31 -24.06
CA TYR B 150 -7.17 -6.61 -25.21
C TYR B 150 -6.10 -5.55 -25.50
N CYS B 151 -6.11 -4.43 -24.77
CA CYS B 151 -5.09 -3.40 -24.93
C CYS B 151 -4.09 -3.44 -23.78
N ARG B 152 -3.62 -4.65 -23.45
CA ARG B 152 -2.63 -4.87 -22.41
C ARG B 152 -1.51 -5.74 -22.95
N PRO B 153 -0.30 -5.59 -22.42
CA PRO B 153 0.79 -6.49 -22.83
C PRO B 153 0.48 -7.92 -22.43
N ASN B 154 1.00 -8.86 -23.23
CA ASN B 154 0.76 -10.28 -23.03
C ASN B 154 -0.74 -10.61 -23.05
N SER B 155 -1.48 -9.95 -23.94
CA SER B 155 -2.89 -10.21 -24.14
C SER B 155 -3.11 -10.56 -25.61
N VAL B 156 -3.71 -11.73 -25.84
CA VAL B 156 -3.89 -12.26 -27.19
C VAL B 156 -5.34 -12.08 -27.60
N LEU B 157 -5.56 -11.54 -28.80
CA LEU B 157 -6.90 -11.42 -29.37
C LEU B 157 -7.19 -12.62 -30.24
N PRO B 158 -8.38 -13.22 -30.13
CA PRO B 158 -8.68 -14.42 -30.94
C PRO B 158 -8.53 -14.12 -32.42
N ASN B 159 -7.87 -15.05 -33.13
CA ASN B 159 -7.62 -14.88 -34.55
C ASN B 159 -8.91 -14.73 -35.34
N GLU B 160 -9.99 -15.34 -34.87
CA GLU B 160 -11.27 -15.24 -35.57
C GLU B 160 -11.85 -13.84 -35.51
N LEU B 161 -11.49 -13.05 -34.50
CA LEU B 161 -12.00 -11.69 -34.36
C LEU B 161 -11.10 -10.65 -35.02
N VAL B 162 -9.96 -11.06 -35.58
CA VAL B 162 -9.05 -10.11 -36.22
C VAL B 162 -9.64 -9.68 -37.55
N GLN B 163 -9.65 -8.37 -37.80
CA GLN B 163 -10.14 -7.82 -39.06
C GLN B 163 -9.07 -7.15 -39.90
N THR B 164 -8.08 -6.50 -39.28
CA THR B 164 -6.95 -5.90 -39.98
C THR B 164 -5.68 -6.64 -39.60
N LYS B 165 -4.83 -6.90 -40.60
CA LYS B 165 -3.65 -7.74 -40.41
C LYS B 165 -2.45 -6.92 -39.96
N SER B 166 -1.43 -7.62 -39.50
CA SER B 166 -0.15 -7.01 -39.14
C SER B 166 0.78 -7.02 -40.34
N LEU B 167 1.65 -6.01 -40.41
CA LEU B 167 2.59 -5.87 -41.51
C LEU B 167 4.01 -6.22 -41.14
N ILE B 168 4.45 -5.90 -39.92
CA ILE B 168 5.81 -6.20 -39.49
C ILE B 168 5.74 -6.95 -38.17
N SER B 169 6.72 -7.82 -37.96
CA SER B 169 6.78 -8.61 -36.74
C SER B 169 7.43 -7.80 -35.61
N LYS B 170 7.25 -8.28 -34.38
CA LYS B 170 7.74 -7.54 -33.21
C LYS B 170 9.26 -7.44 -33.19
N SER B 171 9.96 -8.45 -33.69
CA SER B 171 11.42 -8.43 -33.61
C SER B 171 12.04 -7.43 -34.57
N LYS B 172 11.43 -7.22 -35.73
CA LYS B 172 11.99 -6.33 -36.74
C LYS B 172 11.37 -4.94 -36.72
N ALA B 173 10.34 -4.72 -35.90
CA ALA B 173 9.62 -3.44 -35.94
C ALA B 173 10.50 -2.29 -35.48
N LYS B 174 11.29 -2.50 -34.43
CA LYS B 174 12.11 -1.43 -33.87
C LYS B 174 13.32 -1.09 -34.73
N SER B 175 13.71 -1.98 -35.66
CA SER B 175 14.82 -1.73 -36.55
C SER B 175 14.39 -1.19 -37.91
N PHE B 176 13.09 -1.13 -38.18
CA PHE B 176 12.60 -0.70 -39.49
C PHE B 176 12.78 0.81 -39.65
N ARG B 177 13.52 1.21 -40.66
CA ARG B 177 13.62 2.61 -41.05
C ARG B 177 12.94 2.79 -42.41
N TYR B 178 12.07 3.80 -42.49
CA TYR B 178 11.39 4.11 -43.74
C TYR B 178 12.29 4.98 -44.59
N THR B 179 12.75 4.44 -45.72
CA THR B 179 13.54 5.20 -46.68
C THR B 179 12.81 5.20 -48.00
N PRO B 180 12.51 6.36 -48.58
CA PRO B 180 11.66 6.40 -49.76
C PRO B 180 12.40 5.95 -51.02
N THR B 181 11.61 5.48 -51.98
CA THR B 181 12.08 5.14 -53.31
C THR B 181 11.50 6.13 -54.30
N LEU B 182 11.64 5.82 -55.59
CA LEU B 182 11.00 6.61 -56.65
C LEU B 182 9.78 5.90 -57.22
N PHE B 183 9.21 4.96 -56.48
CA PHE B 183 7.96 4.29 -56.85
C PHE B 183 6.91 4.70 -55.81
N GLU B 184 5.92 5.48 -56.24
CA GLU B 184 4.93 6.02 -55.31
C GLU B 184 4.13 4.91 -54.65
N GLU B 185 3.62 3.97 -55.45
CA GLU B 185 2.82 2.87 -54.91
C GLU B 185 3.62 2.08 -53.89
N PHE B 186 4.93 1.94 -54.10
CA PHE B 186 5.76 1.24 -53.13
C PHE B 186 5.93 2.06 -51.85
N ASN B 187 6.15 3.37 -52.00
CA ASN B 187 6.36 4.22 -50.82
C ASN B 187 5.10 4.27 -49.96
N LYS B 188 3.92 4.13 -50.56
CA LYS B 188 2.69 4.11 -49.77
C LYS B 188 2.67 2.92 -48.80
N LYS B 189 2.90 1.72 -49.33
CA LYS B 189 2.91 0.54 -48.47
C LYS B 189 4.07 0.58 -47.49
N LEU B 190 5.20 1.17 -47.88
CA LEU B 190 6.29 1.33 -46.94
C LEU B 190 5.89 2.24 -45.78
N LYS B 191 5.15 3.31 -46.09
CA LYS B 191 4.68 4.21 -45.03
C LYS B 191 3.69 3.50 -44.12
N GLU B 192 2.84 2.64 -44.68
CA GLU B 192 1.93 1.86 -43.83
C GLU B 192 2.69 0.93 -42.91
N VAL B 193 3.72 0.25 -43.44
CA VAL B 193 4.56 -0.61 -42.61
C VAL B 193 5.20 0.21 -41.49
N GLU B 194 5.68 1.41 -41.80
CA GLU B 194 6.27 2.26 -40.77
C GLU B 194 5.24 2.68 -39.74
N LYS B 195 4.02 2.99 -40.18
CA LYS B 195 2.94 3.32 -39.26
C LYS B 195 2.70 2.20 -38.26
N GLU B 196 2.71 0.94 -38.74
CA GLU B 196 2.55 -0.17 -37.81
C GLU B 196 3.77 -0.32 -36.91
N ALA B 197 4.97 -0.19 -37.48
CA ALA B 197 6.19 -0.50 -36.74
C ALA B 197 6.47 0.53 -35.65
N LYS B 198 6.05 1.77 -35.83
CA LYS B 198 6.34 2.79 -34.82
C LYS B 198 5.65 2.52 -33.49
N THR B 199 4.55 1.76 -33.50
CA THR B 199 3.81 1.50 -32.26
C THR B 199 4.58 0.57 -31.32
N TYR B 200 5.53 -0.21 -31.84
CA TYR B 200 6.30 -1.11 -30.99
C TYR B 200 7.33 -0.39 -30.14
N ASN B 201 7.51 0.92 -30.34
CA ASN B 201 8.34 1.71 -29.45
C ASN B 201 7.60 2.16 -28.19
N TYR B 202 6.28 2.03 -28.18
CA TYR B 202 5.45 2.36 -27.03
C TYR B 202 5.05 1.09 -26.29
N ASP B 203 4.72 1.26 -25.02
CA ASP B 203 4.28 0.12 -24.22
C ASP B 203 2.81 -0.18 -24.49
N ALA B 204 2.52 -1.47 -24.66
CA ALA B 204 1.21 -1.90 -25.12
C ALA B 204 0.17 -1.99 -24.01
N GLN B 205 0.19 -1.06 -23.05
CA GLN B 205 -0.82 -1.02 -22.00
C GLN B 205 -1.52 0.32 -22.09
N PHE B 206 -2.87 0.27 -22.13
CA PHE B 206 -3.65 1.47 -22.39
C PHE B 206 -3.36 2.58 -21.37
N HIS B 207 -3.26 2.21 -20.09
CA HIS B 207 -3.19 3.20 -19.03
C HIS B 207 -1.89 4.01 -19.09
N ASP B 208 -0.74 3.34 -18.98
CA ASP B 208 0.54 4.07 -19.00
C ASP B 208 0.72 4.81 -20.31
N GLN B 209 0.35 4.21 -21.44
CA GLN B 209 0.57 4.88 -22.71
C GLN B 209 -0.28 6.15 -22.82
N LEU B 210 -1.55 6.08 -22.40
CA LEU B 210 -2.40 7.26 -22.43
C LEU B 210 -1.85 8.35 -21.51
N LYS B 211 -1.48 7.98 -20.27
CA LYS B 211 -1.02 9.00 -19.34
C LYS B 211 0.35 9.56 -19.72
N ALA B 212 1.16 8.79 -20.45
CA ALA B 212 2.50 9.24 -20.82
C ALA B 212 2.47 10.12 -22.06
N ARG B 213 1.72 9.70 -23.09
CA ARG B 213 1.57 10.52 -24.27
C ARG B 213 0.81 11.82 -23.99
N LEU B 214 0.14 11.92 -22.85
CA LEU B 214 -0.56 13.13 -22.44
C LEU B 214 0.27 14.01 -21.52
N LEU B 215 1.52 13.64 -21.25
CA LEU B 215 2.34 14.41 -20.30
C LEU B 215 2.67 15.79 -20.85
N GLU B 216 3.10 15.87 -22.11
CA GLU B 216 3.51 17.14 -22.69
C GLU B 216 2.37 18.16 -22.80
N HIS B 217 1.12 17.74 -22.62
CA HIS B 217 -0.02 18.63 -22.72
C HIS B 217 -0.57 19.08 -21.38
N THR B 218 -0.14 18.44 -20.29
CA THR B 218 -0.52 18.81 -18.92
C THR B 218 -2.05 18.89 -18.77
N ILE B 219 -2.67 17.71 -18.78
CA ILE B 219 -4.11 17.57 -18.66
C ILE B 219 -4.43 16.50 -17.62
N PRO B 220 -5.03 16.84 -16.49
CA PRO B 220 -5.38 15.81 -15.50
C PRO B 220 -6.35 14.81 -16.09
N THR B 221 -6.10 13.53 -15.86
CA THR B 221 -6.94 12.46 -16.36
C THR B 221 -7.16 11.43 -15.27
N GLN B 222 -8.42 11.06 -15.05
CA GLN B 222 -8.77 9.92 -14.21
C GLN B 222 -9.32 8.83 -15.11
N ILE B 223 -8.64 7.69 -15.16
CA ILE B 223 -9.00 6.58 -16.01
C ILE B 223 -9.80 5.59 -15.17
N LEU B 224 -11.08 5.42 -15.50
CA LEU B 224 -11.96 4.50 -14.80
C LEU B 224 -12.50 3.48 -15.78
N ARG B 225 -12.50 2.21 -15.38
CA ARG B 225 -13.10 1.16 -16.20
C ARG B 225 -14.61 1.25 -16.13
N GLU B 226 -15.26 0.86 -17.23
CA GLU B 226 -16.72 0.76 -17.23
C GLU B 226 -17.19 -0.20 -16.16
N SER B 227 -16.45 -1.30 -15.95
CA SER B 227 -16.83 -2.29 -14.94
C SER B 227 -16.52 -1.82 -13.53
N THR B 228 -15.69 -0.78 -13.36
CA THR B 228 -15.48 -0.25 -12.02
C THR B 228 -16.70 0.53 -11.54
N LEU B 229 -17.28 1.36 -12.41
CA LEU B 229 -18.43 2.17 -12.02
C LEU B 229 -19.74 1.42 -12.11
N ALA B 230 -19.81 0.34 -12.87
CA ALA B 230 -21.03 -0.45 -13.01
C ALA B 230 -20.69 -1.94 -12.85
N TRP B 231 -20.10 -2.28 -11.70
CA TRP B 231 -19.66 -3.65 -11.47
C TRP B 231 -20.82 -4.62 -11.35
N ARG B 232 -22.02 -4.13 -11.04
CA ARG B 232 -23.18 -5.01 -10.98
C ARG B 232 -23.58 -5.54 -12.34
N ASP B 233 -23.20 -4.87 -13.43
CA ASP B 233 -23.62 -5.22 -14.77
C ASP B 233 -22.54 -5.95 -15.56
N PHE B 234 -21.43 -6.32 -14.92
CA PHE B 234 -20.33 -7.03 -15.56
C PHE B 234 -20.24 -8.40 -14.90
N LYS B 235 -21.05 -9.33 -15.39
CA LYS B 235 -21.17 -10.66 -14.81
C LYS B 235 -20.43 -11.69 -15.64
N ASN B 236 -20.28 -12.89 -15.08
CA ASN B 236 -19.67 -14.01 -15.75
C ASN B 236 -20.77 -14.91 -16.34
N THR B 237 -20.39 -16.12 -16.74
CA THR B 237 -21.36 -17.08 -17.24
C THR B 237 -22.19 -17.71 -16.13
N PHE B 238 -21.97 -17.30 -14.88
CA PHE B 238 -22.75 -17.77 -13.73
C PHE B 238 -23.69 -16.69 -13.20
N GLY B 239 -23.87 -15.60 -13.93
CA GLY B 239 -24.75 -14.54 -13.50
C GLY B 239 -24.29 -13.80 -12.25
N ALA B 240 -23.00 -13.86 -11.93
CA ALA B 240 -22.45 -13.24 -10.74
C ALA B 240 -21.47 -12.13 -11.11
N PRO B 241 -21.44 -11.04 -10.35
CA PRO B 241 -20.54 -9.93 -10.69
C PRO B 241 -19.09 -10.39 -10.66
N ILE B 242 -18.37 -10.08 -11.75
CA ILE B 242 -16.96 -10.45 -11.83
C ILE B 242 -16.16 -9.75 -10.74
N ARG B 243 -16.35 -8.44 -10.61
CA ARG B 243 -15.68 -7.64 -9.58
C ARG B 243 -16.72 -7.24 -8.54
N ASP B 244 -16.67 -7.90 -7.39
CA ASP B 244 -17.69 -7.75 -6.36
C ASP B 244 -17.29 -6.62 -5.42
N PHE B 245 -17.92 -5.46 -5.59
CA PHE B 245 -17.70 -4.30 -4.72
C PHE B 245 -18.80 -4.14 -3.68
N SER B 246 -19.64 -5.16 -3.50
CA SER B 246 -20.87 -4.97 -2.72
C SER B 246 -20.58 -4.59 -1.28
N LYS B 247 -19.53 -5.17 -0.68
CA LYS B 247 -19.24 -4.92 0.72
C LYS B 247 -18.33 -3.71 0.93
N ILE B 248 -17.86 -3.07 -0.12
CA ILE B 248 -16.92 -1.96 0.03
C ILE B 248 -17.30 -0.78 -0.85
N GLU B 249 -18.58 -0.75 -1.30
CA GLU B 249 -19.05 0.32 -2.17
C GLU B 249 -18.65 1.69 -1.63
N GLY B 250 -18.98 1.96 -0.36
CA GLY B 250 -18.62 3.23 0.24
C GLY B 250 -17.14 3.53 0.09
N HIS B 251 -16.29 2.56 0.45
CA HIS B 251 -14.85 2.76 0.28
C HIS B 251 -14.50 3.12 -1.15
N LEU B 252 -15.12 2.42 -2.11
CA LEU B 252 -14.92 2.76 -3.51
C LEU B 252 -15.27 4.22 -3.76
N ALA B 253 -16.43 4.65 -3.26
CA ALA B 253 -16.83 6.06 -3.40
C ALA B 253 -15.81 6.97 -2.74
N TRP B 254 -15.22 6.54 -1.62
CA TRP B 254 -14.20 7.36 -0.97
C TRP B 254 -12.97 7.50 -1.84
N THR B 255 -12.64 6.46 -2.61
CA THR B 255 -11.42 6.48 -3.40
C THR B 255 -11.59 7.28 -4.67
N ILE B 256 -12.68 7.06 -5.40
CA ILE B 256 -12.90 7.78 -6.65
C ILE B 256 -13.09 9.27 -6.40
N SER B 257 -13.85 9.62 -5.37
CA SER B 257 -14.10 11.03 -5.07
C SER B 257 -12.80 11.75 -4.74
N THR B 258 -12.14 11.36 -3.64
CA THR B 258 -10.93 12.02 -3.19
C THR B 258 -9.94 12.20 -4.32
N ALA B 259 -9.59 11.11 -5.00
CA ALA B 259 -8.70 11.17 -6.16
C ALA B 259 -9.15 12.24 -7.13
N ALA B 260 -10.41 12.16 -7.58
CA ALA B 260 -10.95 13.19 -8.47
C ALA B 260 -10.78 14.57 -7.85
N TYR B 261 -11.14 14.72 -6.58
CA TYR B 261 -11.02 16.02 -5.92
C TYR B 261 -9.59 16.53 -6.00
N TYR B 262 -8.60 15.65 -5.88
CA TYR B 262 -7.21 16.10 -5.98
C TYR B 262 -6.88 16.51 -7.40
N LYS B 263 -7.38 15.77 -8.40
CA LYS B 263 -7.06 16.09 -9.78
C LYS B 263 -7.76 17.37 -10.24
N ALA B 264 -8.86 17.75 -9.58
CA ALA B 264 -9.57 18.97 -9.94
C ALA B 264 -8.92 20.23 -9.38
N GLY B 265 -7.83 20.11 -8.62
CA GLY B 265 -7.08 21.25 -8.13
C GLY B 265 -7.06 21.40 -6.63
N GLY B 266 -8.00 20.79 -5.92
CA GLY B 266 -8.05 20.92 -4.47
C GLY B 266 -7.21 19.87 -3.75
N LYS B 267 -6.64 20.29 -2.62
CA LYS B 267 -5.87 19.38 -1.79
C LYS B 267 -6.73 18.91 -0.62
N PRO B 268 -7.03 17.60 -0.53
CA PRO B 268 -7.93 17.15 0.55
C PRO B 268 -7.35 17.35 1.93
N TRP B 269 -6.05 17.11 2.10
CA TRP B 269 -5.41 17.27 3.41
C TRP B 269 -3.91 17.41 3.23
N LYS B 270 -3.24 17.80 4.32
CA LYS B 270 -1.79 17.90 4.35
C LYS B 270 -1.31 17.41 5.72
N LEU B 271 0.01 17.31 5.86
CA LEU B 271 0.58 16.87 7.13
C LEU B 271 0.30 17.90 8.21
N GLY B 272 -0.11 17.41 9.38
CA GLY B 272 -0.49 18.31 10.45
C GLY B 272 0.70 18.98 11.11
N ASP B 273 1.70 18.19 11.50
CA ASP B 273 2.87 18.69 12.21
C ASP B 273 4.13 18.18 11.53
N ILE B 274 4.82 19.08 10.82
CA ILE B 274 6.11 18.78 10.21
C ILE B 274 6.98 20.02 10.30
N ARG B 275 8.28 19.79 10.40
CA ARG B 275 9.21 20.90 10.57
C ARG B 275 9.35 21.67 9.26
N PRO B 276 9.45 23.00 9.33
CA PRO B 276 9.58 23.78 8.10
C PRO B 276 10.96 23.58 7.47
N GLY B 277 10.97 23.59 6.13
CA GLY B 277 12.20 23.47 5.38
C GLY B 277 12.57 22.06 4.96
N VAL B 278 11.84 21.05 5.41
CA VAL B 278 12.15 19.67 5.07
C VAL B 278 11.64 19.36 3.66
N CYS B 279 12.38 18.52 2.95
CA CYS B 279 12.02 18.13 1.59
C CYS B 279 12.46 16.69 1.37
N TYR B 280 11.52 15.84 0.94
CA TYR B 280 11.78 14.42 0.77
C TYR B 280 11.84 14.08 -0.71
N LEU B 281 12.85 13.31 -1.10
CA LEU B 281 13.11 12.98 -2.49
C LEU B 281 13.17 11.45 -2.64
N GLY B 282 12.20 10.89 -3.34
CA GLY B 282 12.19 9.47 -3.64
C GLY B 282 12.72 9.21 -5.03
N LEU B 283 13.75 8.38 -5.10
CA LEU B 283 14.33 8.01 -6.38
C LEU B 283 13.43 7.01 -7.10
N VAL B 284 13.52 7.03 -8.44
CA VAL B 284 12.72 6.13 -9.28
C VAL B 284 13.62 5.65 -10.42
N TYR B 285 13.73 4.33 -10.57
CA TYR B 285 14.46 3.73 -11.67
C TYR B 285 13.57 2.74 -12.39
N LYS B 286 13.72 2.67 -13.71
CA LYS B 286 13.00 1.66 -14.51
C LYS B 286 13.88 1.24 -15.67
N LYS B 287 14.22 -0.04 -15.72
CA LYS B 287 15.08 -0.53 -16.79
C LYS B 287 14.38 -0.43 -18.13
N ILE B 288 15.10 0.10 -19.13
CA ILE B 288 14.58 0.17 -20.50
C ILE B 288 15.04 -1.12 -21.18
N GLU B 289 14.18 -2.14 -21.14
CA GLU B 289 14.52 -3.42 -21.75
C GLU B 289 14.53 -3.36 -23.27
N LYS B 290 13.90 -2.34 -23.86
CA LYS B 290 13.91 -2.20 -25.31
C LYS B 290 15.32 -1.96 -25.84
N SER B 291 16.08 -1.10 -25.17
CA SER B 291 17.44 -0.83 -25.59
C SER B 291 18.31 -2.08 -25.41
N LYS B 292 19.32 -2.21 -26.28
CA LYS B 292 20.18 -3.39 -26.23
C LYS B 292 21.07 -3.39 -24.99
N ASN B 293 21.45 -2.21 -24.50
CA ASN B 293 22.33 -2.12 -23.34
C ASN B 293 21.65 -2.69 -22.11
N PRO B 294 22.22 -3.73 -21.47
CA PRO B 294 21.60 -4.28 -20.27
C PRO B 294 21.56 -3.32 -19.09
N GLN B 295 22.42 -2.30 -19.09
CA GLN B 295 22.44 -1.32 -18.01
C GLN B 295 21.52 -0.13 -18.25
N ASN B 296 20.98 0.01 -19.45
CA ASN B 296 20.19 1.19 -19.79
C ASN B 296 18.91 1.23 -18.96
N ALA B 297 18.63 2.38 -18.36
CA ALA B 297 17.45 2.57 -17.55
C ALA B 297 17.15 4.06 -17.44
N CYS B 298 15.89 4.36 -17.13
CA CYS B 298 15.44 5.72 -16.91
C CYS B 298 15.36 6.02 -15.42
N CYS B 299 15.69 7.26 -15.06
CA CYS B 299 15.70 7.71 -13.68
C CYS B 299 14.77 8.91 -13.52
N ALA B 300 14.31 9.10 -12.28
CA ALA B 300 13.38 10.17 -11.97
C ALA B 300 13.39 10.41 -10.46
N ALA B 301 12.77 11.52 -10.05
CA ALA B 301 12.71 11.90 -8.65
C ALA B 301 11.33 12.43 -8.32
N GLN B 302 10.81 12.02 -7.17
CA GLN B 302 9.53 12.51 -6.66
C GLN B 302 9.80 13.32 -5.40
N MET B 303 9.42 14.60 -5.43
CA MET B 303 9.62 15.50 -4.31
C MET B 303 8.31 15.69 -3.55
N PHE B 304 8.39 15.62 -2.22
CA PHE B 304 7.25 15.84 -1.36
C PHE B 304 7.65 16.72 -0.19
N LEU B 305 6.72 17.57 0.24
CA LEU B 305 6.99 18.53 1.31
C LEU B 305 6.11 18.17 2.48
N ASP B 306 5.01 18.90 2.71
CA ASP B 306 4.07 18.60 3.78
C ASP B 306 2.73 18.12 3.27
N ASN B 307 2.58 17.96 1.96
CA ASN B 307 1.35 17.47 1.37
C ASN B 307 1.67 16.44 0.30
N GLY B 308 0.62 15.80 -0.22
CA GLY B 308 0.76 14.77 -1.23
C GLY B 308 0.85 15.26 -2.65
N ASP B 309 0.78 16.57 -2.88
CA ASP B 309 0.91 17.12 -4.22
C ASP B 309 2.40 17.27 -4.57
N GLY B 310 3.04 16.14 -4.80
CA GLY B 310 4.46 16.11 -5.08
C GLY B 310 4.80 16.56 -6.48
N THR B 311 6.09 16.58 -6.77
CA THR B 311 6.62 17.01 -8.06
C THR B 311 7.47 15.91 -8.66
N VAL B 312 7.29 15.64 -9.94
CA VAL B 312 7.99 14.57 -10.63
C VAL B 312 9.00 15.18 -11.61
N PHE B 313 10.28 14.89 -11.38
CA PHE B 313 11.36 15.30 -12.27
C PHE B 313 11.83 14.09 -13.05
N LYS B 314 11.80 14.19 -14.38
CA LYS B 314 12.30 13.14 -15.24
C LYS B 314 13.79 13.35 -15.51
N GLY B 315 14.58 12.32 -15.24
CA GLY B 315 16.00 12.35 -15.51
C GLY B 315 16.32 11.80 -16.90
N GLU B 316 17.61 11.70 -17.17
CA GLU B 316 18.06 11.17 -18.45
C GLU B 316 18.17 9.65 -18.38
N VAL B 317 18.40 9.06 -19.54
CA VAL B 317 18.63 7.62 -19.67
C VAL B 317 20.14 7.38 -19.57
N GLY B 318 20.50 6.22 -19.08
CA GLY B 318 21.90 5.91 -18.91
C GLY B 318 22.13 4.56 -18.30
N PRO B 319 23.40 4.23 -18.05
CA PRO B 319 23.72 2.91 -17.52
C PRO B 319 23.56 2.86 -16.03
N TRP B 320 22.48 3.40 -15.52
CA TRP B 320 22.30 3.45 -14.09
C TRP B 320 22.20 2.07 -13.47
N TYR B 321 21.90 1.07 -14.26
CA TYR B 321 21.73 -0.26 -13.72
C TYR B 321 22.99 -1.08 -13.68
N ASN B 322 23.13 -1.90 -12.66
CA ASN B 322 24.27 -2.78 -12.59
C ASN B 322 23.76 -4.18 -12.51
N PRO B 323 23.65 -4.84 -13.65
CA PRO B 323 23.12 -6.20 -13.69
C PRO B 323 23.85 -7.09 -12.71
N GLU B 324 25.06 -6.72 -12.36
CA GLU B 324 25.84 -7.49 -11.43
C GLU B 324 25.19 -7.57 -10.08
N LYS B 325 25.11 -6.45 -9.38
CA LYS B 325 24.58 -6.47 -8.04
C LYS B 325 23.09 -6.22 -8.01
N GLY B 326 22.54 -5.86 -9.16
CA GLY B 326 21.11 -5.59 -9.22
C GLY B 326 20.69 -4.34 -8.48
N GLU B 327 21.52 -3.31 -8.48
CA GLU B 327 21.17 -2.09 -7.81
C GLU B 327 21.44 -0.96 -8.75
N TYR B 328 20.52 -0.03 -8.85
CA TYR B 328 20.70 1.10 -9.73
C TYR B 328 21.47 2.18 -9.02
N HIS B 329 22.44 2.74 -9.71
CA HIS B 329 23.19 3.84 -9.13
C HIS B 329 23.42 4.83 -10.23
N LEU B 330 23.36 6.11 -9.91
CA LEU B 330 23.46 7.10 -10.95
C LEU B 330 24.87 7.59 -11.14
N LYS B 331 25.19 7.95 -12.36
CA LYS B 331 26.51 8.45 -12.64
C LYS B 331 26.60 9.88 -12.17
N PRO B 332 27.80 10.32 -11.80
CA PRO B 332 28.00 11.66 -11.25
C PRO B 332 27.22 12.77 -11.95
N LYS B 333 27.25 12.83 -13.26
CA LYS B 333 26.58 13.91 -13.96
C LYS B 333 25.10 13.96 -13.63
N GLU B 334 24.41 12.85 -13.86
CA GLU B 334 22.96 12.85 -13.66
C GLU B 334 22.59 13.09 -12.21
N ALA B 335 23.43 12.63 -11.27
CA ALA B 335 23.19 12.98 -9.87
C ALA B 335 23.13 14.49 -9.70
N LYS B 336 24.16 15.18 -10.17
CA LYS B 336 24.18 16.64 -10.09
C LYS B 336 22.98 17.25 -10.79
N ALA B 337 22.68 16.79 -12.01
CA ALA B 337 21.62 17.40 -12.80
C ALA B 337 20.25 17.23 -12.13
N LEU B 338 19.93 16.02 -11.67
CA LEU B 338 18.63 15.76 -11.07
C LEU B 338 18.48 16.50 -9.75
N LEU B 339 19.53 16.47 -8.90
CA LEU B 339 19.42 17.17 -7.63
C LEU B 339 19.30 18.68 -7.85
N THR B 340 19.98 19.21 -8.86
CA THR B 340 19.86 20.64 -9.15
C THR B 340 18.47 20.97 -9.66
N GLN B 341 17.90 20.12 -10.51
CA GLN B 341 16.51 20.29 -10.92
C GLN B 341 15.60 20.40 -9.71
N ALA B 342 15.71 19.43 -8.80
CA ALA B 342 14.83 19.41 -7.63
C ALA B 342 15.04 20.63 -6.74
N LEU B 343 16.29 21.00 -6.48
CA LEU B 343 16.56 22.11 -5.57
C LEU B 343 16.15 23.44 -6.19
N GLU B 344 16.34 23.61 -7.50
CA GLU B 344 15.90 24.84 -8.16
C GLU B 344 14.39 24.93 -8.16
N SER B 345 13.70 23.80 -8.34
CA SER B 345 12.24 23.83 -8.24
C SER B 345 11.79 24.18 -6.82
N TYR B 346 12.47 23.64 -5.81
CA TYR B 346 12.15 24.00 -4.43
C TYR B 346 12.37 25.49 -4.19
N LYS B 347 13.45 26.05 -4.74
CA LYS B 347 13.71 27.48 -4.57
C LYS B 347 12.70 28.33 -5.32
N GLU B 348 12.20 27.84 -6.46
CA GLU B 348 11.16 28.58 -7.17
C GLU B 348 9.84 28.54 -6.41
N GLN B 349 9.57 27.46 -5.69
CA GLN B 349 8.30 27.33 -4.98
C GLN B 349 8.31 28.03 -3.62
N ASN B 350 9.39 27.86 -2.85
CA ASN B 350 9.45 28.35 -1.48
C ASN B 350 10.34 29.58 -1.32
N LYS B 351 11.00 30.03 -2.39
CA LYS B 351 11.87 31.21 -2.38
C LYS B 351 13.03 31.06 -1.40
N SER B 352 13.39 29.84 -1.05
CA SER B 352 14.52 29.55 -0.19
C SER B 352 15.04 28.16 -0.55
N TYR B 353 16.05 27.72 0.18
CA TYR B 353 16.52 26.37 -0.04
C TYR B 353 16.15 25.48 1.14
N PRO B 354 15.88 24.20 0.90
CA PRO B 354 15.38 23.34 1.99
C PRO B 354 16.39 23.23 3.10
N LYS B 355 15.90 23.23 4.35
CA LYS B 355 16.79 23.07 5.49
C LYS B 355 17.36 21.65 5.53
N GLU B 356 16.57 20.66 5.12
CA GLU B 356 17.02 19.28 5.06
C GLU B 356 16.53 18.63 3.78
N VAL B 357 17.29 17.64 3.32
CA VAL B 357 16.99 16.92 2.10
C VAL B 357 17.16 15.43 2.39
N PHE B 358 16.05 14.72 2.50
CA PHE B 358 16.05 13.28 2.74
C PHE B 358 15.82 12.56 1.41
N ILE B 359 16.81 11.81 0.97
CA ILE B 359 16.75 11.07 -0.29
C ILE B 359 16.37 9.63 0.03
N HIS B 360 15.18 9.22 -0.39
CA HIS B 360 14.67 7.88 -0.13
C HIS B 360 14.94 6.98 -1.33
N ALA B 361 15.39 5.76 -1.06
CA ALA B 361 15.65 4.77 -2.09
C ALA B 361 15.54 3.38 -1.49
N ARG B 362 15.40 2.38 -2.37
CA ARG B 362 15.30 0.99 -1.94
C ARG B 362 16.65 0.30 -1.80
N THR B 363 17.74 0.97 -2.18
CA THR B 363 19.07 0.38 -2.14
C THR B 363 20.02 1.35 -1.45
N ARG B 364 21.26 0.89 -1.23
CA ARG B 364 22.27 1.67 -0.55
C ARG B 364 23.08 2.47 -1.58
N PHE B 365 23.26 3.76 -1.32
CA PHE B 365 23.97 4.62 -2.26
C PHE B 365 25.47 4.34 -2.25
N ASN B 366 26.08 4.42 -3.44
CA ASN B 366 27.53 4.37 -3.55
C ASN B 366 28.11 5.76 -3.39
N ASP B 367 29.38 5.82 -2.99
CA ASP B 367 30.02 7.11 -2.72
C ASP B 367 30.14 7.95 -4.00
N GLU B 368 30.23 7.29 -5.15
CA GLU B 368 30.43 8.01 -6.42
C GLU B 368 29.29 8.98 -6.69
N GLU B 369 28.05 8.54 -6.53
CA GLU B 369 26.91 9.42 -6.78
C GLU B 369 26.59 10.30 -5.57
N TRP B 370 26.90 9.84 -4.36
CA TRP B 370 26.62 10.65 -3.18
C TRP B 370 27.51 11.88 -3.13
N ASN B 371 28.77 11.76 -3.57
CA ASN B 371 29.62 12.94 -3.64
C ASN B 371 29.10 13.94 -4.67
N ALA B 372 28.57 13.45 -5.79
CA ALA B 372 27.96 14.34 -6.77
C ALA B 372 26.71 15.00 -6.21
N PHE B 373 25.97 14.29 -5.37
CA PHE B 373 24.85 14.91 -4.67
C PHE B 373 25.32 16.01 -3.75
N ASN B 374 26.39 15.75 -2.98
CA ASN B 374 26.91 16.75 -2.06
C ASN B 374 27.46 17.97 -2.78
N GLU B 375 27.94 17.78 -4.02
CA GLU B 375 28.55 18.89 -4.75
C GLU B 375 27.55 20.02 -5.00
N VAL B 376 26.33 19.64 -5.32
CA VAL B 376 25.32 20.62 -5.65
C VAL B 376 24.51 21.02 -4.43
N THR B 377 24.50 20.18 -3.41
CA THR B 377 23.78 20.53 -2.22
C THR B 377 24.32 21.83 -1.75
N PRO B 378 23.43 22.75 -1.39
CA PRO B 378 23.85 24.06 -0.92
C PRO B 378 24.99 23.98 0.08
N LYS B 379 24.72 23.80 1.36
CA LYS B 379 25.81 23.66 2.32
C LYS B 379 25.28 23.53 3.70
N ASN B 380 24.59 24.57 4.14
CA ASN B 380 23.97 24.54 5.43
C ASN B 380 22.63 23.86 5.27
N THR B 381 22.58 22.83 4.42
CA THR B 381 21.35 22.07 4.21
C THR B 381 21.67 20.61 4.45
N ASN B 382 21.19 20.06 5.55
CA ASN B 382 21.50 18.69 5.84
C ASN B 382 20.95 17.81 4.78
N LEU B 383 21.81 17.04 4.16
CA LEU B 383 21.42 16.10 3.12
C LEU B 383 21.80 14.70 3.56
N VAL B 384 20.81 13.82 3.71
CA VAL B 384 21.04 12.43 4.08
C VAL B 384 20.34 11.54 3.07
N GLY B 385 20.68 10.24 3.12
CA GLY B 385 20.12 9.26 2.22
C GLY B 385 19.69 8.01 2.95
N VAL B 386 18.39 7.74 2.88
CA VAL B 386 17.74 6.69 3.66
C VAL B 386 17.42 5.52 2.75
N THR B 387 17.44 4.32 3.31
CA THR B 387 17.14 3.09 2.59
C THR B 387 15.92 2.43 3.22
N ILE B 388 14.86 2.26 2.43
CA ILE B 388 13.65 1.56 2.85
C ILE B 388 13.52 0.32 1.96
N THR B 389 13.47 -0.85 2.58
CA THR B 389 13.67 -2.10 1.86
C THR B 389 12.44 -3.01 1.84
N LYS B 390 11.78 -3.19 2.99
CA LYS B 390 10.68 -4.13 3.16
C LYS B 390 11.14 -5.58 3.06
N SER B 391 12.12 -5.85 2.20
CA SER B 391 12.65 -7.21 2.03
C SER B 391 13.72 -7.50 3.09
N LYS B 392 13.30 -7.46 4.34
CA LYS B 392 14.17 -7.78 5.47
C LYS B 392 13.44 -8.83 6.31
N PRO B 393 13.97 -10.04 6.44
CA PRO B 393 13.23 -11.09 7.12
C PRO B 393 13.19 -10.94 8.64
N LEU B 394 12.30 -10.08 9.13
CA LEU B 394 11.99 -9.99 10.56
C LEU B 394 10.49 -9.90 10.71
N LYS B 395 9.90 -10.85 11.43
CA LYS B 395 8.46 -10.86 11.69
C LYS B 395 8.25 -11.05 13.18
N LEU B 396 7.35 -10.25 13.76
CA LEU B 396 7.00 -10.36 15.17
C LEU B 396 5.58 -10.88 15.28
N TYR B 397 5.42 -12.02 15.96
CA TYR B 397 4.12 -12.66 16.11
C TYR B 397 3.59 -12.41 17.52
N LYS B 398 2.35 -11.94 17.61
CA LYS B 398 1.70 -11.83 18.90
C LYS B 398 1.57 -13.21 19.54
N THR B 399 1.88 -13.30 20.83
CA THR B 399 1.96 -14.59 21.49
C THR B 399 0.61 -15.30 21.55
N GLU B 400 -0.49 -14.56 21.46
CA GLU B 400 -1.81 -15.16 21.57
C GLU B 400 -2.79 -14.37 20.71
N GLY B 401 -3.77 -15.09 20.16
CA GLY B 401 -4.81 -14.46 19.36
C GLY B 401 -4.48 -14.45 17.88
N ALA B 402 -5.54 -14.24 17.09
CA ALA B 402 -5.38 -14.16 15.64
C ALA B 402 -4.96 -12.76 15.18
N PHE B 403 -5.10 -11.75 16.04
CA PHE B 403 -4.74 -10.39 15.65
C PHE B 403 -3.23 -10.20 15.70
N PRO B 404 -2.68 -9.38 14.80
CA PRO B 404 -1.22 -9.22 14.74
C PRO B 404 -0.70 -8.09 15.62
N ILE B 405 0.59 -7.77 15.46
CA ILE B 405 1.18 -6.65 16.19
C ILE B 405 0.55 -5.33 15.74
N MET B 406 0.63 -4.34 16.62
CA MET B 406 0.02 -3.04 16.36
C MET B 406 0.95 -2.17 15.52
N ARG B 407 0.37 -1.45 14.57
CA ARG B 407 1.14 -0.49 13.79
C ARG B 407 1.65 0.64 14.68
N GLY B 408 2.90 1.06 14.44
CA GLY B 408 3.56 2.09 15.21
C GLY B 408 4.72 1.56 16.05
N ASN B 409 4.69 0.28 16.39
CA ASN B 409 5.82 -0.34 17.07
C ASN B 409 7.05 -0.28 16.16
N ALA B 410 8.21 -0.02 16.77
CA ALA B 410 9.44 0.13 16.03
C ALA B 410 10.60 -0.48 16.81
N TYR B 411 11.48 -1.17 16.09
CA TYR B 411 12.67 -1.78 16.66
C TYR B 411 13.89 -1.08 16.09
N ILE B 412 14.63 -0.39 16.94
CA ILE B 412 15.80 0.37 16.52
C ILE B 412 17.03 -0.51 16.70
N VAL B 413 17.63 -0.94 15.58
CA VAL B 413 18.82 -1.77 15.66
C VAL B 413 19.99 -0.95 16.22
N ASP B 414 20.23 0.22 15.65
CA ASP B 414 21.29 1.09 16.14
C ASP B 414 20.94 2.55 15.82
N GLU B 415 21.91 3.44 15.99
CA GLU B 415 21.71 4.85 15.72
C GLU B 415 21.58 5.17 14.24
N LYS B 416 21.57 4.17 13.37
CA LYS B 416 21.46 4.40 11.94
C LYS B 416 20.46 3.50 11.23
N LYS B 417 20.02 2.40 11.85
CA LYS B 417 19.04 1.53 11.23
C LYS B 417 18.01 1.07 12.26
N ALA B 418 16.77 0.91 11.81
CA ALA B 418 15.64 0.55 12.64
C ALA B 418 14.61 -0.19 11.81
N PHE B 419 13.64 -0.78 12.49
CA PHE B 419 12.52 -1.49 11.88
C PHE B 419 11.24 -0.76 12.23
N LEU B 420 10.39 -0.50 11.24
CA LEU B 420 9.16 0.24 11.43
C LEU B 420 7.98 -0.62 10.99
N TRP B 421 6.94 -0.67 11.82
CA TRP B 421 5.74 -1.45 11.53
C TRP B 421 4.67 -0.51 10.98
N THR B 422 4.84 -0.15 9.70
CA THR B 422 3.82 0.66 9.04
C THR B 422 2.52 -0.11 8.90
N LEU B 423 2.60 -1.43 8.79
CA LEU B 423 1.42 -2.30 8.74
C LEU B 423 1.26 -3.03 10.06
N GLY B 424 0.05 -3.54 10.29
CA GLY B 424 -0.28 -4.24 11.50
C GLY B 424 -1.66 -3.84 11.97
N PHE B 425 -1.97 -4.18 13.21
CA PHE B 425 -3.25 -3.79 13.79
C PHE B 425 -3.26 -2.30 14.07
N VAL B 426 -4.42 -1.67 13.85
CA VAL B 426 -4.62 -0.26 14.14
C VAL B 426 -5.88 -0.12 14.97
N PRO B 427 -5.82 0.42 16.18
CA PRO B 427 -7.00 0.41 17.07
C PRO B 427 -8.15 1.24 16.56
N LYS B 428 -7.89 2.24 15.71
CA LYS B 428 -9.00 3.05 15.19
C LYS B 428 -9.96 2.21 14.38
N LEU B 429 -9.45 1.49 13.37
CA LEU B 429 -10.32 0.67 12.53
C LEU B 429 -10.71 -0.65 13.18
N GLN B 430 -10.10 -0.99 14.33
CA GLN B 430 -10.38 -2.26 15.02
C GLN B 430 -10.18 -3.46 14.10
N SER B 431 -9.24 -3.34 13.16
CA SER B 431 -8.94 -4.40 12.22
C SER B 431 -7.46 -4.29 11.83
N THR B 432 -7.07 -4.98 10.77
CA THR B 432 -5.70 -4.99 10.30
C THR B 432 -5.58 -4.22 8.99
N LEU B 433 -4.36 -3.77 8.71
CA LEU B 433 -4.05 -3.06 7.47
C LEU B 433 -3.50 -3.99 6.39
N SER B 434 -3.19 -5.24 6.73
CA SER B 434 -2.60 -6.17 5.79
C SER B 434 -3.00 -7.59 6.16
N MET B 435 -3.02 -8.46 5.16
CA MET B 435 -3.32 -9.87 5.38
C MET B 435 -2.15 -10.55 6.07
N GLU B 436 -2.45 -11.66 6.75
CA GLU B 436 -1.44 -12.52 7.38
C GLU B 436 -0.72 -11.69 8.45
N VAL B 437 0.58 -11.90 8.65
CA VAL B 437 1.37 -11.17 9.65
C VAL B 437 2.14 -10.06 8.92
N PRO B 438 2.10 -8.82 9.41
CA PRO B 438 2.72 -7.72 8.68
C PRO B 438 4.24 -7.81 8.68
N ASN B 439 4.84 -7.41 7.56
CA ASN B 439 6.29 -7.35 7.43
C ASN B 439 6.75 -5.93 7.65
N PRO B 440 7.51 -5.66 8.71
CA PRO B 440 7.97 -4.28 8.95
C PRO B 440 8.99 -3.86 7.92
N ILE B 441 8.92 -2.59 7.54
CA ILE B 441 9.91 -2.01 6.64
C ILE B 441 11.20 -1.77 7.41
N PHE B 442 12.32 -1.86 6.72
CA PHE B 442 13.59 -1.62 7.34
C PHE B 442 14.13 -0.32 6.85
N ILE B 443 14.59 0.50 7.78
CA ILE B 443 15.07 1.80 7.41
C ILE B 443 16.51 1.93 7.81
N GLU B 444 17.31 2.49 6.92
CA GLU B 444 18.72 2.68 7.22
C GLU B 444 19.25 3.97 6.67
N ILE B 445 19.91 4.75 7.50
CA ILE B 445 20.51 5.98 7.05
C ILE B 445 21.83 5.62 6.41
N ASN B 446 21.81 5.20 5.16
CA ASN B 446 23.00 4.75 4.47
C ASN B 446 24.04 5.81 4.28
N LYS B 447 23.63 6.99 3.91
CA LYS B 447 24.59 8.03 3.63
C LYS B 447 24.14 9.34 4.19
N GLY B 448 24.84 9.81 5.21
CA GLY B 448 24.50 11.05 5.83
C GLY B 448 24.29 10.77 7.27
N GLU B 449 24.10 11.81 8.06
CA GLU B 449 23.82 11.63 9.47
C GLU B 449 22.53 12.35 9.85
N ALA B 450 21.69 11.67 10.63
CA ALA B 450 20.44 12.24 11.12
C ALA B 450 19.94 11.36 12.25
N GLU B 451 18.96 11.88 12.98
CA GLU B 451 18.38 11.12 14.09
C GLU B 451 17.51 9.99 13.53
N ILE B 452 17.67 8.80 14.10
CA ILE B 452 16.94 7.64 13.59
C ILE B 452 15.45 7.75 13.92
N GLN B 453 15.12 8.18 15.14
CA GLN B 453 13.72 8.26 15.54
C GLN B 453 13.00 9.34 14.74
N GLN B 454 13.68 10.44 14.43
CA GLN B 454 13.05 11.49 13.63
C GLN B 454 12.79 11.02 12.20
N VAL B 455 13.73 10.28 11.62
CA VAL B 455 13.51 9.71 10.29
C VAL B 455 12.35 8.73 10.32
N LEU B 456 12.26 7.93 11.38
CA LEU B 456 11.15 6.99 11.52
C LEU B 456 9.82 7.73 11.58
N LYS B 457 9.73 8.77 12.42
CA LYS B 457 8.52 9.58 12.49
C LYS B 457 8.18 10.18 11.14
N ASP B 458 9.17 10.68 10.42
CA ASP B 458 8.92 11.31 9.13
C ASP B 458 8.40 10.30 8.12
N ILE B 459 8.94 9.08 8.12
CA ILE B 459 8.43 8.06 7.20
C ILE B 459 7.00 7.69 7.56
N LEU B 460 6.73 7.47 8.85
CA LEU B 460 5.38 7.12 9.26
C LEU B 460 4.38 8.21 8.89
N ALA B 461 4.79 9.47 9.01
CA ALA B 461 3.93 10.56 8.57
C ALA B 461 3.79 10.58 7.05
N LEU B 462 4.85 10.18 6.34
CA LEU B 462 4.81 10.13 4.88
C LEU B 462 3.96 8.98 4.37
N THR B 463 3.55 8.05 5.23
CA THR B 463 2.58 7.05 4.78
C THR B 463 1.13 7.56 4.81
N LYS B 464 0.91 8.88 4.86
CA LYS B 464 -0.44 9.42 4.99
C LYS B 464 -0.80 10.43 3.90
N LEU B 465 0.02 10.58 2.86
CA LEU B 465 -0.21 11.59 1.82
C LEU B 465 -0.64 10.96 0.50
N ASN B 466 -1.29 9.80 0.55
CA ASN B 466 -1.79 9.15 -0.66
C ASN B 466 -3.15 9.73 -1.01
N TYR B 467 -3.23 10.45 -2.13
CA TYR B 467 -4.47 11.09 -2.53
C TYR B 467 -5.37 10.17 -3.35
N ASN B 468 -4.79 9.25 -4.12
CA ASN B 468 -5.62 8.31 -4.88
C ASN B 468 -6.37 7.38 -3.95
N ALA B 469 -5.67 6.75 -3.02
CA ALA B 469 -6.29 5.88 -2.04
C ALA B 469 -6.73 6.72 -0.84
N CYS B 470 -8.03 6.73 -0.58
CA CYS B 470 -8.57 7.42 0.58
C CYS B 470 -8.70 6.42 1.74
N ILE B 471 -7.54 5.98 2.23
CA ILE B 471 -7.45 4.97 3.27
C ILE B 471 -6.74 5.56 4.47
N TYR B 472 -6.78 4.81 5.59
CA TYR B 472 -6.19 5.26 6.84
C TYR B 472 -4.71 5.62 6.65
N ALA B 473 -3.91 4.65 6.23
CA ALA B 473 -2.48 4.89 6.02
C ALA B 473 -1.95 3.86 5.04
N ASP B 474 -0.81 4.19 4.46
CA ASP B 474 -0.17 3.34 3.45
C ASP B 474 0.92 2.49 4.10
N GLY B 475 1.45 1.55 3.30
CA GLY B 475 2.50 0.66 3.78
C GLY B 475 3.88 1.25 3.66
N GLU B 476 4.12 2.01 2.59
CA GLU B 476 5.38 2.70 2.35
C GLU B 476 5.14 4.18 2.16
N PRO B 477 6.14 5.02 2.40
CA PRO B 477 5.97 6.47 2.19
C PRO B 477 5.68 6.78 0.74
N VAL B 478 4.97 7.91 0.53
CA VAL B 478 4.63 8.32 -0.83
C VAL B 478 5.87 8.54 -1.69
N THR B 479 7.02 8.80 -1.07
CA THR B 479 8.26 8.98 -1.82
C THR B 479 8.64 7.74 -2.62
N LEU B 480 8.16 6.56 -2.21
CA LEU B 480 8.41 5.33 -2.95
C LEU B 480 7.16 4.54 -3.28
N ARG B 481 5.97 5.04 -2.91
CA ARG B 481 4.75 4.25 -3.09
C ARG B 481 4.46 4.01 -4.56
N PHE B 482 4.64 5.02 -5.41
CA PHE B 482 4.29 4.94 -6.82
C PHE B 482 5.52 4.92 -7.72
N ALA B 483 6.64 4.38 -7.22
CA ALA B 483 7.88 4.39 -7.99
C ALA B 483 7.72 3.62 -9.29
N ASN B 484 7.14 2.42 -9.24
CA ASN B 484 6.97 1.63 -10.45
C ASN B 484 6.00 2.32 -11.42
N LYS B 485 4.97 2.97 -10.90
CA LYS B 485 4.02 3.66 -11.76
C LYS B 485 4.69 4.77 -12.54
N ILE B 486 5.40 5.65 -11.84
CA ILE B 486 6.14 6.73 -12.51
C ILE B 486 7.15 6.16 -13.49
N GLY B 487 7.87 5.12 -13.07
CA GLY B 487 8.87 4.52 -13.94
C GLY B 487 8.28 4.02 -15.24
N GLU B 488 7.14 3.33 -15.15
CA GLU B 488 6.55 2.77 -16.37
C GLU B 488 5.94 3.87 -17.23
N ILE B 489 5.34 4.88 -16.61
CA ILE B 489 4.81 5.99 -17.40
C ILE B 489 5.92 6.68 -18.16
N LEU B 490 7.10 6.81 -17.54
CA LEU B 490 8.20 7.48 -18.24
C LEU B 490 8.76 6.64 -19.38
N THR B 491 8.69 5.31 -19.29
CA THR B 491 9.19 4.44 -20.33
C THR B 491 8.09 3.92 -21.26
N ALA B 492 6.87 4.46 -21.16
CA ALA B 492 5.78 4.00 -22.00
C ALA B 492 5.69 4.76 -23.32
N SER B 493 6.16 6.01 -23.37
CA SER B 493 6.11 6.81 -24.57
C SER B 493 7.41 6.79 -25.37
N THR B 494 8.55 6.79 -24.69
CA THR B 494 9.88 6.75 -25.32
C THR B 494 10.04 7.89 -26.34
N GLU B 495 9.48 9.06 -26.01
CA GLU B 495 9.57 10.23 -26.86
C GLU B 495 9.09 11.46 -26.09
N ILE B 496 9.71 11.73 -24.95
CA ILE B 496 9.24 12.75 -24.03
C ILE B 496 10.42 13.62 -23.59
N LYS B 497 10.15 14.92 -23.43
CA LYS B 497 11.13 15.87 -22.90
C LYS B 497 10.62 16.54 -21.64
N THR B 498 9.65 15.91 -20.95
CA THR B 498 8.85 16.45 -19.86
C THR B 498 9.61 17.37 -18.92
N PRO B 499 9.01 18.51 -18.56
CA PRO B 499 9.59 19.35 -17.50
C PRO B 499 9.12 18.87 -16.14
N PRO B 500 9.57 19.51 -15.06
CA PRO B 500 9.00 19.19 -13.74
C PRO B 500 7.49 19.36 -13.74
N LEU B 501 6.78 18.28 -13.38
CA LEU B 501 5.34 18.27 -13.40
C LEU B 501 4.80 17.81 -12.05
N ALA B 502 3.54 18.19 -11.78
CA ALA B 502 2.89 17.80 -10.54
C ALA B 502 2.46 16.34 -10.59
N PHE B 503 2.17 15.79 -9.40
CA PHE B 503 1.83 14.37 -9.30
C PHE B 503 0.51 14.06 -10.01
N LYS B 504 -0.43 15.00 -10.02
CA LYS B 504 -1.74 14.72 -10.60
C LYS B 504 -1.69 14.45 -12.11
N TYR B 505 -0.52 14.53 -12.75
CA TYR B 505 -0.38 14.24 -14.17
C TYR B 505 0.19 12.86 -14.43
N TYR B 506 0.66 12.16 -13.40
CA TYR B 506 1.06 10.77 -13.46
C TYR B 506 0.20 9.87 -12.58
N ILE B 507 -0.26 10.38 -11.44
CA ILE B 507 -0.88 9.60 -10.38
C ILE B 507 -2.14 8.88 -10.84
#